data_3GSI
#
_entry.id   3GSI
#
_cell.length_a   71.215
_cell.length_b   224.548
_cell.length_c   119.382
_cell.angle_alpha   90.00
_cell.angle_beta   90.00
_cell.angle_gamma   90.00
#
_symmetry.space_group_name_H-M   'C 2 2 2'
#
loop_
_entity.id
_entity.type
_entity.pdbx_description
1 polymer 'N,N-dimethylglycine oxidase'
2 non-polymer (6S)-5,6,7,8-TETRAHYDROFOLATE
3 non-polymer 'MAGNESIUM ION'
4 non-polymer 'FLAVIN-ADENINE DINUCLEOTIDE'
5 water water
#
_entity_poly.entity_id   1
_entity_poly.type   'polypeptide(L)'
_entity_poly.pdbx_seq_one_letter_code
;TPRIVIIGAGIVGTNLADELVTRGWNNITVLDQGPLNMPGGSTSHAPGLVFQTNPSKTMASFAKYTVEKLLSLTEDGVSC
FNQVGGLEVATTETRLADLKRKLGYAAAWGIEGRLLSPAECQELYPLLDGENILGGLHVPSDGLASAARAVQLLIKRTES
AGVTYRGSTTVTGIEQSGGRVTGVQTADGVIPADIVVSCAGFWGAKIGAMIGMAVPLLPLAHQYVKTTPVPAQQGRNDQP
NGARLPILRHQDQDLYYREHGDRYGIGSYAHRPMPVDVDTLGAYAPETVSEHHMPSRLDFTLEDFLPAWEATKQLLPALA
DSEIEDGFNGIFSFTPDGGPLLGESKELDGFYVAEAVWVTHSAGVAKAMAELLTTGRSETDLGECDITRFEDVQLTPEYV
SETSQQNFVEIYDVLHPLQPRLSPRNLRVSPFHARHKELGAFFLEAGGWERPYWFEANAALLKEMPAEWLPPARDAWSGM
FSSPIAAAEAWKTRTAVAMYDMTPLKRLEVSGPGALKLLQELTTADLAKKPGAVTYTLLLDHAGGVRSAITVARLSEDTF
QLGANGNIDTAYFERAARHQTQSGSATDWVQVRDTTGGTCCIGLWGPLARDLVSKVSDDDFTNDGLKYFRAKNVVIGGIP
VTAMRLSYVGELGWELYTSADNGQRLWDALWQAGQPFGVIAAGRAAFSSLRLEKGYRSWGTDMTTEHDPFEAGLGFAVKM
AKESFIGKGALEGRTEEASARRLRCLTIDDGRSIVLGKEPVFYKEQAVGYVTSAAYGYTVAKPIAYSYLPGTVSVGDSVD
IEYFGRRITATVTEDPLYDPKMTRLRG
;
_entity_poly.pdbx_strand_id   A
#
# COMPACT_ATOMS: atom_id res chain seq x y z
N THR A 1 -6.10 31.99 3.39
CA THR A 1 -5.54 30.69 2.97
C THR A 1 -4.49 30.82 1.86
N PRO A 2 -3.53 29.88 1.79
CA PRO A 2 -2.43 29.98 0.83
C PRO A 2 -2.86 30.02 -0.63
N ARG A 3 -2.05 30.64 -1.49
CA ARG A 3 -2.29 30.62 -2.93
C ARG A 3 -1.93 29.25 -3.50
N ILE A 4 -2.90 28.63 -4.16
CA ILE A 4 -2.72 27.30 -4.72
C ILE A 4 -2.82 27.36 -6.23
N VAL A 5 -1.90 26.69 -6.89
CA VAL A 5 -2.09 26.39 -8.30
C VAL A 5 -2.24 24.88 -8.50
N ILE A 6 -3.29 24.49 -9.21
CA ILE A 6 -3.47 23.10 -9.61
C ILE A 6 -3.17 22.95 -11.07
N ILE A 7 -2.27 22.01 -11.39
CA ILE A 7 -1.94 21.71 -12.74
C ILE A 7 -2.80 20.54 -13.22
N GLY A 8 -3.74 20.82 -14.10
CA GLY A 8 -4.57 19.78 -14.68
C GLY A 8 -6.02 19.96 -14.29
N ALA A 9 -6.88 20.02 -15.28
CA ALA A 9 -8.32 20.05 -15.03
C ALA A 9 -8.96 18.76 -15.51
N GLY A 10 -8.36 17.65 -15.12
CA GLY A 10 -9.02 16.36 -15.22
C GLY A 10 -9.97 16.14 -14.06
N ILE A 11 -10.46 14.91 -13.94
CA ILE A 11 -11.38 14.56 -12.88
C ILE A 11 -10.68 14.72 -11.51
N VAL A 12 -9.37 14.54 -11.48
CA VAL A 12 -8.61 14.71 -10.23
C VAL A 12 -8.48 16.19 -9.80
N GLY A 13 -7.94 17.02 -10.69
CA GLY A 13 -7.71 18.44 -10.39
C GLY A 13 -9.01 19.22 -10.09
N THR A 14 -10.09 18.91 -10.78
CA THR A 14 -11.34 19.66 -10.53
C THR A 14 -11.99 19.20 -9.23
N ASN A 15 -11.89 17.91 -8.94
CA ASN A 15 -12.39 17.41 -7.65
C ASN A 15 -11.62 17.98 -6.47
N LEU A 16 -10.34 18.20 -6.67
CA LEU A 16 -9.49 18.76 -5.62
C LEU A 16 -9.88 20.22 -5.37
N ALA A 17 -9.99 21.02 -6.42
CA ALA A 17 -10.44 22.42 -6.30
C ALA A 17 -11.76 22.48 -5.50
N ASP A 18 -12.68 21.60 -5.87
CA ASP A 18 -13.94 21.44 -5.17
C ASP A 18 -13.83 21.07 -3.69
N GLU A 19 -13.03 20.05 -3.38
CA GLU A 19 -12.86 19.63 -2.01
C GLU A 19 -12.19 20.72 -1.16
N LEU A 20 -11.33 21.52 -1.78
CA LEU A 20 -10.64 22.65 -1.09
C LEU A 20 -11.64 23.78 -0.84
N VAL A 21 -12.36 24.15 -1.88
CA VAL A 21 -13.42 25.17 -1.72
C VAL A 21 -14.37 24.86 -0.56
N THR A 22 -14.87 23.63 -0.47
CA THR A 22 -15.82 23.30 0.59
C THR A 22 -15.13 23.37 1.96
N ARG A 23 -13.81 23.40 1.98
CA ARG A 23 -13.09 23.54 3.23
C ARG A 23 -12.64 24.97 3.46
N GLY A 24 -13.06 25.88 2.59
CA GLY A 24 -12.78 27.29 2.79
C GLY A 24 -11.52 27.81 2.14
N TRP A 25 -10.84 26.98 1.38
CA TRP A 25 -9.70 27.39 0.59
C TRP A 25 -10.15 27.58 -0.86
N ASN A 26 -10.34 28.83 -1.25
CA ASN A 26 -10.71 29.15 -2.62
C ASN A 26 -9.73 30.06 -3.39
N ASN A 27 -8.55 30.34 -2.82
CA ASN A 27 -7.52 31.09 -3.55
C ASN A 27 -6.78 30.17 -4.50
N ILE A 28 -7.50 29.68 -5.50
CA ILE A 28 -7.02 28.58 -6.32
C ILE A 28 -7.08 28.96 -7.80
N THR A 29 -6.00 28.67 -8.52
CA THR A 29 -5.98 28.73 -9.96
C THR A 29 -5.76 27.31 -10.51
N VAL A 30 -6.64 26.85 -11.40
CA VAL A 30 -6.48 25.60 -12.12
C VAL A 30 -6.03 25.86 -13.57
N LEU A 31 -4.94 25.23 -13.99
CA LEU A 31 -4.37 25.41 -15.30
C LEU A 31 -4.54 24.15 -16.12
N ASP A 32 -4.79 24.31 -17.41
CA ASP A 32 -4.78 23.17 -18.33
C ASP A 32 -4.40 23.64 -19.71
N GLN A 33 -3.50 22.89 -20.35
CA GLN A 33 -3.04 23.19 -21.68
C GLN A 33 -4.17 22.99 -22.71
N GLY A 34 -5.17 22.19 -22.33
CA GLY A 34 -6.31 21.97 -23.21
C GLY A 34 -7.43 22.99 -22.99
N PRO A 35 -8.48 22.96 -23.82
CA PRO A 35 -9.59 23.90 -23.63
C PRO A 35 -10.44 23.44 -22.46
N LEU A 36 -11.02 24.38 -21.71
CA LEU A 36 -11.80 24.03 -20.54
C LEU A 36 -13.03 23.17 -20.83
N ASN A 37 -13.61 23.33 -22.00
CA ASN A 37 -14.81 22.56 -22.32
C ASN A 37 -14.53 21.09 -22.66
N MET A 38 -13.28 20.75 -23.00
CA MET A 38 -12.90 19.36 -23.20
C MET A 38 -11.39 19.23 -23.09
N PRO A 39 -10.86 19.13 -21.85
CA PRO A 39 -9.41 19.38 -21.75
C PRO A 39 -8.53 18.39 -22.55
N GLY A 40 -8.95 17.14 -22.66
CA GLY A 40 -8.25 16.25 -23.58
C GLY A 40 -7.27 15.26 -22.96
N GLY A 41 -7.22 15.22 -21.61
CA GLY A 41 -6.51 14.16 -20.87
C GLY A 41 -7.34 12.88 -20.83
N SER A 42 -6.87 11.88 -20.09
CA SER A 42 -7.59 10.58 -19.99
C SER A 42 -9.05 10.76 -19.56
N THR A 43 -9.31 11.77 -18.73
CA THR A 43 -10.70 11.96 -18.27
C THR A 43 -11.67 12.17 -19.45
N SER A 44 -11.17 12.81 -20.50
CA SER A 44 -11.95 13.08 -21.71
C SER A 44 -12.25 11.85 -22.57
N HIS A 45 -11.68 10.67 -22.27
CA HIS A 45 -12.09 9.49 -23.00
C HIS A 45 -12.55 8.29 -22.15
N ALA A 46 -12.55 8.42 -20.83
CA ALA A 46 -12.81 7.24 -19.98
C ALA A 46 -14.28 6.83 -20.09
N PRO A 47 -14.54 5.53 -20.25
CA PRO A 47 -15.89 4.97 -20.27
C PRO A 47 -16.55 5.03 -18.87
N GLY A 48 -15.75 5.20 -17.80
CA GLY A 48 -16.38 5.49 -16.53
C GLY A 48 -16.90 4.34 -15.69
N LEU A 49 -16.41 3.13 -15.89
CA LEU A 49 -16.84 2.00 -15.07
C LEU A 49 -16.26 2.15 -13.66
N VAL A 50 -17.15 2.00 -12.67
CA VAL A 50 -16.79 2.13 -11.27
C VAL A 50 -17.15 0.87 -10.49
N PHE A 51 -16.12 0.07 -10.22
CA PHE A 51 -16.23 -1.13 -9.39
C PHE A 51 -15.57 -0.78 -8.07
N GLN A 52 -16.35 -0.75 -6.98
CA GLN A 52 -15.82 -0.33 -5.69
C GLN A 52 -14.95 -1.38 -4.96
N THR A 53 -15.27 -2.66 -5.13
CA THR A 53 -14.65 -3.68 -4.30
C THR A 53 -13.19 -3.78 -4.70
N ASN A 54 -12.31 -3.92 -3.71
CA ASN A 54 -10.89 -3.80 -3.94
C ASN A 54 -10.22 -4.45 -2.74
N PRO A 55 -9.06 -5.12 -2.94
CA PRO A 55 -8.38 -5.67 -1.74
C PRO A 55 -7.89 -4.58 -0.76
N SER A 56 -7.72 -3.36 -1.26
CA SER A 56 -7.26 -2.26 -0.41
C SER A 56 -8.42 -1.50 0.25
N LYS A 57 -8.45 -1.49 1.58
CA LYS A 57 -9.43 -0.70 2.33
C LYS A 57 -9.47 0.77 1.90
N THR A 58 -8.31 1.40 1.75
CA THR A 58 -8.26 2.79 1.32
C THR A 58 -8.82 2.96 -0.10
N MET A 59 -8.44 2.10 -1.06
CA MET A 59 -8.96 2.30 -2.42
C MET A 59 -10.47 2.08 -2.42
N ALA A 60 -10.92 1.11 -1.63
CA ALA A 60 -12.33 0.85 -1.56
C ALA A 60 -13.06 2.08 -0.98
N SER A 61 -12.50 2.72 0.03
CA SER A 61 -13.19 3.91 0.56
C SER A 61 -13.19 5.05 -0.44
N PHE A 62 -12.11 5.21 -1.21
CA PHE A 62 -12.07 6.25 -2.24
C PHE A 62 -13.18 6.01 -3.26
N ALA A 63 -13.43 4.75 -3.57
CA ALA A 63 -14.41 4.41 -4.61
C ALA A 63 -15.83 4.67 -4.10
N LYS A 64 -16.10 4.25 -2.86
CA LYS A 64 -17.40 4.50 -2.24
C LYS A 64 -17.71 5.99 -2.20
N TYR A 65 -16.70 6.79 -1.88
CA TYR A 65 -16.88 8.25 -1.83
C TYR A 65 -17.13 8.85 -3.21
N THR A 66 -16.40 8.36 -4.21
CA THR A 66 -16.61 8.82 -5.58
C THR A 66 -18.05 8.53 -6.06
N VAL A 67 -18.56 7.36 -5.70
CA VAL A 67 -19.93 6.97 -6.08
C VAL A 67 -20.93 7.93 -5.40
N GLU A 68 -20.75 8.15 -4.11
CA GLU A 68 -21.62 9.07 -3.39
C GLU A 68 -21.52 10.49 -3.96
N LYS A 69 -20.29 10.93 -4.24
CA LYS A 69 -20.13 12.30 -4.71
C LYS A 69 -20.74 12.48 -6.11
N LEU A 70 -20.51 11.52 -7.00
CA LEU A 70 -21.02 11.67 -8.36
C LEU A 70 -22.54 11.59 -8.44
N LEU A 71 -23.14 10.83 -7.54
CA LEU A 71 -24.59 10.74 -7.47
C LEU A 71 -25.21 12.07 -7.04
N SER A 72 -24.50 12.83 -6.22
CA SER A 72 -24.99 14.10 -5.72
C SER A 72 -24.64 15.27 -6.63
N LEU A 73 -23.85 15.01 -7.66
CA LEU A 73 -23.38 16.05 -8.54
C LEU A 73 -24.34 16.10 -9.72
N THR A 74 -25.22 17.11 -9.74
CA THR A 74 -26.39 17.03 -10.58
C THR A 74 -26.73 18.37 -11.24
N GLU A 75 -27.39 18.33 -12.39
CA GLU A 75 -27.84 19.55 -13.06
C GLU A 75 -29.00 19.17 -13.98
N ASP A 76 -30.02 20.02 -14.03
CA ASP A 76 -31.22 19.70 -14.77
C ASP A 76 -31.75 18.31 -14.41
N GLY A 77 -31.60 17.92 -13.15
CA GLY A 77 -32.15 16.65 -12.70
C GLY A 77 -31.39 15.39 -13.13
N VAL A 78 -30.24 15.55 -13.77
CA VAL A 78 -29.43 14.37 -14.16
C VAL A 78 -28.07 14.41 -13.43
N SER A 79 -27.81 13.40 -12.60
CA SER A 79 -26.57 13.31 -11.83
C SER A 79 -25.40 12.86 -12.72
N CYS A 80 -24.24 12.67 -12.10
CA CYS A 80 -23.09 12.21 -12.87
C CYS A 80 -22.74 10.75 -12.61
N PHE A 81 -23.71 10.02 -12.05
CA PHE A 81 -23.56 8.59 -11.80
C PHE A 81 -24.83 7.83 -12.17
N ASN A 82 -24.66 6.83 -13.01
CA ASN A 82 -25.77 5.98 -13.41
C ASN A 82 -25.57 4.64 -12.70
N GLN A 83 -26.33 4.44 -11.63
CA GLN A 83 -26.04 3.33 -10.72
C GLN A 83 -26.69 2.00 -11.19
N VAL A 84 -26.18 1.45 -12.28
CA VAL A 84 -26.72 0.22 -12.81
C VAL A 84 -26.21 -1.04 -12.10
N GLY A 85 -25.29 -0.87 -11.14
CA GLY A 85 -24.72 -2.02 -10.47
C GLY A 85 -23.57 -2.58 -11.29
N GLY A 86 -22.86 -3.57 -10.75
CA GLY A 86 -21.72 -4.10 -11.46
C GLY A 86 -21.74 -5.60 -11.29
N LEU A 87 -21.23 -6.33 -12.28
CA LEU A 87 -21.25 -7.78 -12.25
C LEU A 87 -19.90 -8.28 -12.75
N GLU A 88 -19.20 -9.08 -11.94
CA GLU A 88 -17.99 -9.74 -12.41
C GLU A 88 -18.34 -11.20 -12.62
N VAL A 89 -18.06 -11.75 -13.79
CA VAL A 89 -18.39 -13.13 -14.02
C VAL A 89 -17.12 -13.98 -14.00
N ALA A 90 -17.28 -15.27 -13.67
CA ALA A 90 -16.19 -16.24 -13.65
C ALA A 90 -16.42 -17.32 -14.68
N THR A 91 -15.41 -17.60 -15.50
CA THR A 91 -15.51 -18.70 -16.46
C THR A 91 -14.52 -19.83 -16.14
N THR A 92 -13.76 -19.68 -15.06
CA THR A 92 -12.88 -20.74 -14.58
C THR A 92 -13.10 -20.94 -13.11
N GLU A 93 -12.78 -22.14 -12.62
CA GLU A 93 -12.88 -22.42 -11.20
C GLU A 93 -11.99 -21.51 -10.37
N THR A 94 -10.88 -21.12 -10.96
CA THR A 94 -9.94 -20.30 -10.22
C THR A 94 -10.59 -18.95 -9.96
N ARG A 95 -11.28 -18.43 -10.96
CA ARG A 95 -11.92 -17.13 -10.83
C ARG A 95 -13.11 -17.21 -9.88
N LEU A 96 -13.83 -18.33 -9.93
CA LEU A 96 -14.98 -18.51 -9.07
C LEU A 96 -14.56 -18.44 -7.60
N ALA A 97 -13.48 -19.14 -7.30
CA ALA A 97 -12.94 -19.08 -5.95
C ALA A 97 -12.55 -17.66 -5.59
N ASP A 98 -11.93 -16.93 -6.52
CA ASP A 98 -11.49 -15.56 -6.23
C ASP A 98 -12.67 -14.59 -5.95
N LEU A 99 -13.81 -14.84 -6.59
CA LEU A 99 -14.98 -13.97 -6.37
C LEU A 99 -15.44 -14.12 -4.91
N LYS A 100 -15.25 -15.30 -4.35
CA LYS A 100 -15.62 -15.51 -2.95
C LYS A 100 -14.69 -14.68 -2.03
N ARG A 101 -13.44 -14.57 -2.43
CA ARG A 101 -12.50 -13.76 -1.65
C ARG A 101 -12.90 -12.31 -1.80
N LYS A 102 -13.26 -11.90 -3.03
CA LYS A 102 -13.71 -10.52 -3.25
C LYS A 102 -14.98 -10.17 -2.49
N LEU A 103 -15.92 -11.12 -2.42
CA LEU A 103 -17.11 -10.93 -1.56
C LEU A 103 -16.70 -10.64 -0.09
N GLY A 104 -15.63 -11.27 0.36
CA GLY A 104 -15.04 -10.95 1.65
C GLY A 104 -14.55 -9.53 1.75
N TYR A 105 -13.79 -9.06 0.76
CA TYR A 105 -13.36 -7.66 0.75
C TYR A 105 -14.60 -6.74 0.88
N ALA A 106 -15.63 -7.04 0.10
CA ALA A 106 -16.82 -6.19 0.10
C ALA A 106 -17.40 -6.09 1.50
N ALA A 107 -17.59 -7.22 2.17
CA ALA A 107 -18.10 -7.19 3.54
C ALA A 107 -17.12 -6.43 4.43
N ALA A 108 -15.82 -6.70 4.25
CA ALA A 108 -14.83 -6.05 5.09
C ALA A 108 -14.90 -4.53 4.96
N TRP A 109 -15.17 -4.03 3.75
CA TRP A 109 -15.13 -2.59 3.51
C TRP A 109 -16.50 -1.92 3.51
N GLY A 110 -17.53 -2.67 3.87
CA GLY A 110 -18.88 -2.13 3.93
C GLY A 110 -19.53 -1.92 2.57
N ILE A 111 -19.21 -2.77 1.60
CA ILE A 111 -19.87 -2.73 0.30
C ILE A 111 -20.81 -3.93 0.18
N GLU A 112 -22.10 -3.69 -0.08
CA GLU A 112 -23.08 -4.78 -0.23
C GLU A 112 -22.90 -5.52 -1.58
N GLY A 113 -22.74 -6.84 -1.52
CA GLY A 113 -22.59 -7.66 -2.71
C GLY A 113 -23.15 -9.05 -2.51
N ARG A 114 -23.41 -9.74 -3.61
CA ARG A 114 -23.86 -11.15 -3.58
C ARG A 114 -23.15 -11.98 -4.65
N LEU A 115 -22.92 -13.24 -4.35
CA LEU A 115 -22.49 -14.23 -5.32
C LEU A 115 -23.73 -14.75 -6.03
N LEU A 116 -23.68 -14.77 -7.34
CA LEU A 116 -24.80 -15.32 -8.14
C LEU A 116 -24.42 -16.64 -8.78
N SER A 117 -25.38 -17.58 -8.81
CA SER A 117 -25.25 -18.79 -9.60
C SER A 117 -25.29 -18.46 -11.07
N PRO A 118 -24.92 -19.42 -11.91
CA PRO A 118 -24.99 -19.21 -13.36
C PRO A 118 -26.40 -18.82 -13.78
N ALA A 119 -27.41 -19.43 -13.19
CA ALA A 119 -28.81 -19.10 -13.51
C ALA A 119 -29.14 -17.68 -13.11
N GLU A 120 -28.73 -17.29 -11.92
CA GLU A 120 -28.95 -15.90 -11.52
C GLU A 120 -28.20 -14.93 -12.43
N CYS A 121 -27.03 -15.33 -12.90
CA CYS A 121 -26.27 -14.46 -13.80
C CYS A 121 -27.06 -14.24 -15.10
N GLN A 122 -27.69 -15.30 -15.59
CA GLN A 122 -28.51 -15.24 -16.80
C GLN A 122 -29.76 -14.38 -16.59
N GLU A 123 -30.42 -14.50 -15.44
CA GLU A 123 -31.53 -13.62 -15.12
C GLU A 123 -31.09 -12.13 -15.08
N LEU A 124 -29.96 -11.83 -14.47
CA LEU A 124 -29.48 -10.44 -14.40
C LEU A 124 -28.95 -9.91 -15.74
N TYR A 125 -28.33 -10.78 -16.52
CA TYR A 125 -27.64 -10.32 -17.70
C TYR A 125 -27.88 -11.33 -18.83
N PRO A 126 -29.09 -11.32 -19.39
CA PRO A 126 -29.55 -12.32 -20.37
C PRO A 126 -28.66 -12.48 -21.60
N LEU A 127 -27.89 -11.45 -21.97
CA LEU A 127 -27.02 -11.55 -23.13
C LEU A 127 -25.80 -12.48 -22.93
N LEU A 128 -25.48 -12.80 -21.68
CA LEU A 128 -24.43 -13.78 -21.41
C LEU A 128 -24.80 -15.16 -21.99
N ASP A 129 -23.92 -15.75 -22.79
CA ASP A 129 -24.00 -17.19 -23.06
C ASP A 129 -23.66 -17.92 -21.75
N GLY A 130 -24.62 -18.58 -21.15
CA GLY A 130 -24.39 -19.24 -19.88
C GLY A 130 -23.44 -20.44 -19.89
N GLU A 131 -23.09 -20.96 -21.06
CA GLU A 131 -22.36 -22.22 -21.14
C GLU A 131 -21.04 -22.17 -20.39
N ASN A 132 -20.34 -21.05 -20.45
CA ASN A 132 -19.09 -21.00 -19.70
C ASN A 132 -19.11 -20.19 -18.41
N ILE A 133 -20.26 -19.61 -18.06
CA ILE A 133 -20.35 -18.85 -16.83
C ILE A 133 -20.46 -19.78 -15.61
N LEU A 134 -19.56 -19.68 -14.63
CA LEU A 134 -19.65 -20.54 -13.45
C LEU A 134 -20.32 -19.85 -12.27
N GLY A 135 -20.35 -18.52 -12.30
CA GLY A 135 -20.86 -17.72 -11.20
C GLY A 135 -20.53 -16.26 -11.46
N GLY A 136 -21.11 -15.36 -10.70
CA GLY A 136 -20.83 -13.95 -10.83
C GLY A 136 -20.83 -13.32 -9.45
N LEU A 137 -20.25 -12.13 -9.35
CA LEU A 137 -20.30 -11.34 -8.13
C LEU A 137 -21.05 -10.07 -8.46
N HIS A 138 -22.13 -9.81 -7.76
CA HIS A 138 -22.99 -8.66 -8.09
C HIS A 138 -22.95 -7.66 -6.98
N VAL A 139 -22.59 -6.43 -7.32
CA VAL A 139 -22.57 -5.32 -6.38
C VAL A 139 -23.57 -4.26 -6.91
N PRO A 140 -24.76 -4.16 -6.31
CA PRO A 140 -25.79 -3.25 -6.84
C PRO A 140 -25.39 -1.75 -6.84
N SER A 141 -24.43 -1.33 -6.01
CA SER A 141 -24.07 0.12 -5.94
C SER A 141 -22.98 0.60 -6.91
N ASP A 142 -22.30 -0.34 -7.59
CA ASP A 142 -21.41 0.01 -8.69
C ASP A 142 -22.21 0.63 -9.83
N GLY A 143 -21.52 1.16 -10.83
CA GLY A 143 -22.18 1.80 -11.94
C GLY A 143 -21.25 2.60 -12.85
N LEU A 144 -21.84 3.55 -13.57
CA LEU A 144 -21.12 4.33 -14.58
C LEU A 144 -21.01 5.80 -14.17
N ALA A 145 -19.78 6.28 -14.09
CA ALA A 145 -19.54 7.71 -13.92
C ALA A 145 -19.59 8.46 -15.26
N SER A 146 -20.17 9.66 -15.24
CA SER A 146 -20.10 10.61 -16.36
C SER A 146 -18.95 11.54 -16.04
N ALA A 147 -17.74 11.07 -16.29
CA ALA A 147 -16.57 11.78 -15.80
C ALA A 147 -16.43 13.15 -16.44
N ALA A 148 -16.57 13.22 -17.77
CA ALA A 148 -16.37 14.48 -18.47
C ALA A 148 -17.47 15.48 -18.08
N ARG A 149 -18.69 15.00 -17.85
CA ARG A 149 -19.75 15.88 -17.38
C ARG A 149 -19.46 16.34 -15.94
N ALA A 150 -18.92 15.44 -15.11
CA ALA A 150 -18.60 15.82 -13.74
C ALA A 150 -17.56 16.95 -13.73
N VAL A 151 -16.55 16.86 -14.57
CA VAL A 151 -15.57 17.95 -14.68
C VAL A 151 -16.25 19.31 -14.97
N GLN A 152 -17.15 19.33 -15.95
CA GLN A 152 -17.87 20.58 -16.26
C GLN A 152 -18.67 21.12 -15.09
N LEU A 153 -19.37 20.26 -14.37
CA LEU A 153 -20.20 20.76 -13.27
C LEU A 153 -19.30 21.18 -12.11
N LEU A 154 -18.14 20.54 -11.98
CA LEU A 154 -17.26 20.91 -10.88
C LEU A 154 -16.61 22.26 -11.17
N ILE A 155 -16.20 22.46 -12.42
CA ILE A 155 -15.69 23.76 -12.88
C ILE A 155 -16.74 24.87 -12.67
N LYS A 156 -17.98 24.57 -13.02
CA LYS A 156 -19.08 25.52 -12.79
C LYS A 156 -19.21 25.93 -11.33
N ARG A 157 -19.37 24.97 -10.41
CA ARG A 157 -19.57 25.37 -9.04
C ARG A 157 -18.33 25.90 -8.29
N THR A 158 -17.14 25.43 -8.60
CA THR A 158 -15.98 26.04 -7.98
C THR A 158 -15.71 27.47 -8.52
N GLU A 159 -15.96 27.69 -9.81
CA GLU A 159 -15.86 29.00 -10.44
C GLU A 159 -16.75 30.00 -9.71
N SER A 160 -17.99 29.60 -9.47
CA SER A 160 -18.90 30.37 -8.65
C SER A 160 -18.35 30.67 -7.26
N ALA A 161 -17.45 29.84 -6.76
CA ALA A 161 -16.92 30.05 -5.42
C ALA A 161 -15.61 30.82 -5.42
N GLY A 162 -15.16 31.27 -6.59
CA GLY A 162 -13.97 32.10 -6.69
C GLY A 162 -12.74 31.44 -7.32
N VAL A 163 -12.84 30.16 -7.68
CA VAL A 163 -11.69 29.49 -8.27
C VAL A 163 -11.48 30.00 -9.69
N THR A 164 -10.22 30.22 -10.08
CA THR A 164 -9.90 30.68 -11.42
C THR A 164 -9.43 29.51 -12.26
N TYR A 165 -9.98 29.43 -13.48
CA TYR A 165 -9.58 28.40 -14.44
C TYR A 165 -8.95 29.07 -15.62
N ARG A 166 -7.79 28.56 -16.02
CA ARG A 166 -7.13 29.02 -17.22
C ARG A 166 -6.84 27.85 -18.13
N GLY A 167 -7.64 27.68 -19.18
CA GLY A 167 -7.43 26.64 -20.15
C GLY A 167 -6.45 27.19 -21.17
N SER A 168 -6.13 26.37 -22.16
CA SER A 168 -5.16 26.72 -23.19
C SER A 168 -3.91 27.32 -22.60
N THR A 169 -3.56 26.86 -21.40
CA THR A 169 -2.36 27.39 -20.74
C THR A 169 -1.38 26.27 -20.41
N THR A 170 -0.22 26.28 -21.03
CA THR A 170 0.75 25.21 -20.84
C THR A 170 1.82 25.55 -19.80
N VAL A 171 1.89 24.73 -18.75
CA VAL A 171 2.97 24.85 -17.79
C VAL A 171 4.29 24.39 -18.40
N THR A 172 5.33 25.21 -18.31
CA THR A 172 6.62 24.86 -18.88
C THR A 172 7.75 24.75 -17.84
N GLY A 173 7.47 25.12 -16.61
CA GLY A 173 8.48 24.99 -15.57
C GLY A 173 7.90 25.36 -14.21
N ILE A 174 8.68 25.16 -13.15
CA ILE A 174 8.18 25.44 -11.83
C ILE A 174 9.20 26.36 -11.16
N GLU A 175 8.74 27.45 -10.53
CA GLU A 175 9.67 28.42 -9.98
C GLU A 175 9.81 28.07 -8.51
N GLN A 176 10.99 28.27 -7.96
CA GLN A 176 11.25 27.98 -6.57
C GLN A 176 12.34 28.84 -5.96
N SER A 177 12.32 28.93 -4.64
CA SER A 177 13.37 29.61 -3.90
C SER A 177 13.42 29.07 -2.47
N GLY A 178 14.65 28.85 -1.98
CA GLY A 178 14.86 28.38 -0.64
C GLY A 178 14.28 27.00 -0.38
N GLY A 179 14.25 26.14 -1.40
CA GLY A 179 13.73 24.80 -1.19
C GLY A 179 12.21 24.76 -1.15
N ARG A 180 11.54 25.86 -1.52
CA ARG A 180 10.07 25.89 -1.56
C ARG A 180 9.52 26.49 -2.85
N VAL A 181 8.37 26.00 -3.26
CA VAL A 181 7.76 26.44 -4.49
C VAL A 181 7.28 27.88 -4.35
N THR A 182 7.50 28.67 -5.39
CA THR A 182 7.07 30.07 -5.40
C THR A 182 6.13 30.39 -6.56
N GLY A 183 6.17 29.58 -7.61
CA GLY A 183 5.32 29.81 -8.75
C GLY A 183 5.37 28.77 -9.87
N VAL A 184 4.62 29.03 -10.93
CA VAL A 184 4.47 28.10 -12.03
C VAL A 184 4.72 28.88 -13.29
N GLN A 185 5.66 28.42 -14.11
CA GLN A 185 6.01 29.12 -15.34
C GLN A 185 5.16 28.72 -16.52
N THR A 186 4.72 29.72 -17.28
CA THR A 186 4.05 29.51 -18.54
C THR A 186 4.71 30.48 -19.55
N ALA A 187 4.43 30.33 -20.84
CA ALA A 187 5.00 31.23 -21.85
C ALA A 187 4.65 32.70 -21.52
N ASP A 188 3.43 32.94 -21.11
CA ASP A 188 3.00 34.30 -20.77
C ASP A 188 3.43 34.80 -19.37
N GLY A 189 4.29 34.05 -18.68
CA GLY A 189 4.84 34.52 -17.43
C GLY A 189 4.75 33.54 -16.27
N VAL A 190 4.91 34.04 -15.04
CA VAL A 190 4.91 33.18 -13.87
C VAL A 190 3.65 33.40 -13.07
N ILE A 191 2.99 32.32 -12.69
CA ILE A 191 1.83 32.42 -11.81
C ILE A 191 2.29 32.08 -10.40
N PRO A 192 2.16 33.05 -9.48
CA PRO A 192 2.66 32.87 -8.10
C PRO A 192 1.88 31.79 -7.38
N ALA A 193 2.54 31.06 -6.48
CA ALA A 193 1.86 30.02 -5.76
C ALA A 193 2.56 29.80 -4.44
N ASP A 194 1.82 29.56 -3.35
CA ASP A 194 2.44 29.02 -2.14
C ASP A 194 2.41 27.47 -2.16
N ILE A 195 1.43 26.93 -2.87
CA ILE A 195 1.26 25.46 -2.98
C ILE A 195 0.96 25.13 -4.43
N VAL A 196 1.64 24.11 -4.97
CA VAL A 196 1.33 23.61 -6.30
C VAL A 196 0.98 22.14 -6.18
N VAL A 197 -0.13 21.74 -6.78
CA VAL A 197 -0.49 20.33 -6.80
C VAL A 197 -0.50 19.83 -8.26
N SER A 198 0.39 18.89 -8.57
CA SER A 198 0.44 18.35 -9.93
C SER A 198 -0.67 17.31 -10.07
N CYS A 199 -1.75 17.64 -10.78
CA CYS A 199 -2.83 16.68 -11.09
C CYS A 199 -2.79 16.44 -12.59
N ALA A 200 -1.61 16.13 -13.10
CA ALA A 200 -1.40 16.16 -14.54
C ALA A 200 -1.56 14.79 -15.23
N GLY A 201 -2.19 13.82 -14.56
CA GLY A 201 -2.44 12.50 -15.15
C GLY A 201 -1.13 11.89 -15.69
N PHE A 202 -1.18 11.36 -16.91
CA PHE A 202 -0.02 10.64 -17.47
C PHE A 202 1.13 11.56 -17.90
N TRP A 203 0.89 12.88 -17.86
CA TRP A 203 2.00 13.85 -17.97
C TRP A 203 2.82 14.04 -16.68
N GLY A 204 2.43 13.35 -15.59
CA GLY A 204 3.02 13.55 -14.29
C GLY A 204 4.55 13.42 -14.17
N ALA A 205 5.13 12.51 -14.93
CA ALA A 205 6.59 12.32 -14.85
C ALA A 205 7.26 13.50 -15.54
N LYS A 206 6.63 14.00 -16.60
CA LYS A 206 7.14 15.17 -17.29
C LYS A 206 7.07 16.39 -16.38
N ILE A 207 5.97 16.55 -15.61
CA ILE A 207 5.89 17.67 -14.70
C ILE A 207 6.94 17.52 -13.59
N GLY A 208 7.10 16.29 -13.11
CA GLY A 208 8.10 16.00 -12.08
C GLY A 208 9.52 16.37 -12.46
N ALA A 209 9.91 16.09 -13.68
CA ALA A 209 11.28 16.44 -14.10
C ALA A 209 11.54 17.93 -13.99
N MET A 210 10.50 18.75 -14.02
CA MET A 210 10.65 20.19 -13.90
C MET A 210 11.28 20.63 -12.57
N ILE A 211 11.13 19.83 -11.51
CA ILE A 211 11.76 20.12 -10.22
C ILE A 211 12.71 18.99 -9.80
N GLY A 212 13.11 18.15 -10.74
CA GLY A 212 14.01 17.06 -10.44
C GLY A 212 13.38 15.96 -9.57
N MET A 213 12.07 15.76 -9.68
CA MET A 213 11.40 14.75 -8.91
C MET A 213 11.08 13.54 -9.81
N ALA A 214 11.34 12.33 -9.33
CA ALA A 214 10.98 11.13 -10.04
C ALA A 214 9.56 10.79 -9.69
N VAL A 215 8.72 10.66 -10.71
CA VAL A 215 7.33 10.36 -10.47
C VAL A 215 7.14 9.00 -11.14
N PRO A 216 6.94 7.95 -10.33
CA PRO A 216 7.05 6.60 -10.91
C PRO A 216 5.73 6.19 -11.54
N LEU A 217 5.36 6.84 -12.64
CA LEU A 217 4.22 6.32 -13.43
C LEU A 217 4.69 6.13 -14.84
N LEU A 218 4.07 5.22 -15.57
CA LEU A 218 4.39 5.05 -16.97
C LEU A 218 3.11 5.29 -17.77
N PRO A 219 3.16 6.18 -18.78
CA PRO A 219 1.99 6.28 -19.68
C PRO A 219 1.88 5.05 -20.55
N LEU A 220 0.70 4.45 -20.57
CA LEU A 220 0.43 3.22 -21.34
C LEU A 220 -0.89 3.41 -22.08
N ALA A 221 -1.00 2.82 -23.28
CA ALA A 221 -2.22 2.88 -24.06
C ALA A 221 -3.03 1.59 -23.83
N HIS A 222 -4.37 1.72 -23.88
CA HIS A 222 -5.33 0.66 -23.51
C HIS A 222 -6.46 0.77 -24.53
N GLN A 223 -6.82 -0.34 -25.15
CA GLN A 223 -7.82 -0.28 -26.21
C GLN A 223 -9.26 -0.20 -25.69
N TYR A 224 -10.04 0.69 -26.32
CA TYR A 224 -11.45 0.85 -26.06
C TYR A 224 -12.19 0.95 -27.39
N VAL A 225 -13.19 0.10 -27.54
CA VAL A 225 -13.88 -0.07 -28.83
C VAL A 225 -15.39 0.07 -28.64
N LYS A 226 -16.06 0.76 -29.57
CA LYS A 226 -17.52 0.77 -29.59
C LYS A 226 -18.03 0.01 -30.81
N THR A 227 -19.05 -0.78 -30.61
CA THR A 227 -19.64 -1.55 -31.71
C THR A 227 -20.60 -0.70 -32.52
N THR A 228 -21.04 -1.24 -33.64
CA THR A 228 -22.22 -0.69 -34.31
C THR A 228 -23.46 -1.08 -33.47
N PRO A 229 -24.64 -0.55 -33.83
CA PRO A 229 -25.84 -0.88 -33.06
C PRO A 229 -26.05 -2.39 -33.02
N VAL A 230 -26.38 -2.91 -31.85
CA VAL A 230 -26.46 -4.34 -31.66
C VAL A 230 -27.93 -4.72 -31.78
N PRO A 231 -28.25 -5.61 -32.73
CA PRO A 231 -29.68 -5.89 -32.99
C PRO A 231 -30.44 -6.28 -31.76
N ALA A 232 -29.84 -7.13 -30.91
CA ALA A 232 -30.53 -7.56 -29.69
C ALA A 232 -30.88 -6.40 -28.79
N GLN A 233 -30.16 -5.29 -28.93
CA GLN A 233 -30.34 -4.16 -28.02
C GLN A 233 -31.34 -3.12 -28.56
N GLN A 234 -31.86 -3.35 -29.75
CA GLN A 234 -32.72 -2.35 -30.37
C GLN A 234 -33.85 -1.97 -29.44
N GLY A 235 -33.97 -0.67 -29.17
CA GLY A 235 -35.11 -0.12 -28.46
C GLY A 235 -34.99 -0.17 -26.95
N ARG A 236 -33.89 -0.72 -26.42
CA ARG A 236 -33.84 -1.00 -24.99
C ARG A 236 -33.38 0.16 -24.14
N ASN A 237 -32.41 0.92 -24.65
CA ASN A 237 -31.82 2.05 -23.93
C ASN A 237 -32.06 3.39 -24.58
N ASP A 238 -31.95 4.44 -23.79
CA ASP A 238 -32.00 5.80 -24.31
C ASP A 238 -30.78 6.04 -25.17
N GLN A 239 -30.97 6.72 -26.28
CA GLN A 239 -29.85 7.09 -27.16
C GLN A 239 -29.33 8.45 -26.75
N PRO A 240 -28.03 8.69 -26.94
CA PRO A 240 -27.07 7.77 -27.55
C PRO A 240 -26.21 7.02 -26.53
N ASN A 241 -26.29 7.38 -25.25
CA ASN A 241 -25.36 6.83 -24.27
C ASN A 241 -26.02 6.20 -23.05
N GLY A 242 -27.28 5.81 -23.19
CA GLY A 242 -27.97 5.18 -22.09
C GLY A 242 -27.40 3.81 -21.71
N ALA A 243 -27.68 3.40 -20.48
CA ALA A 243 -27.28 2.08 -20.03
C ALA A 243 -28.23 1.66 -18.93
N ARG A 244 -28.64 0.40 -18.96
CA ARG A 244 -29.52 -0.16 -17.94
C ARG A 244 -28.99 -1.44 -17.29
N LEU A 245 -28.13 -2.19 -18.00
CA LEU A 245 -27.54 -3.41 -17.44
C LEU A 245 -26.35 -3.04 -16.54
N PRO A 246 -26.06 -3.88 -15.54
CA PRO A 246 -24.86 -3.63 -14.73
C PRO A 246 -23.60 -3.57 -15.63
N ILE A 247 -22.60 -2.78 -15.24
CA ILE A 247 -21.32 -2.82 -15.92
C ILE A 247 -20.81 -4.24 -15.76
N LEU A 248 -20.04 -4.70 -16.73
CA LEU A 248 -19.69 -6.12 -16.82
C LEU A 248 -18.18 -6.32 -16.88
N ARG A 249 -17.65 -7.14 -15.96
CA ARG A 249 -16.24 -7.53 -16.00
C ARG A 249 -16.11 -8.98 -16.41
N HIS A 250 -15.19 -9.24 -17.33
CA HIS A 250 -14.87 -10.61 -17.80
C HIS A 250 -13.36 -10.79 -17.58
N GLN A 251 -12.97 -10.88 -16.31
CA GLN A 251 -11.55 -10.77 -15.99
C GLN A 251 -10.73 -11.93 -16.53
N ASP A 252 -11.35 -13.11 -16.70
CA ASP A 252 -10.64 -14.24 -17.33
C ASP A 252 -10.10 -13.99 -18.76
N GLN A 253 -10.73 -13.05 -19.46
CA GLN A 253 -10.28 -12.66 -20.81
C GLN A 253 -9.79 -11.21 -20.88
N ASP A 254 -9.49 -10.61 -19.73
CA ASP A 254 -9.01 -9.24 -19.65
C ASP A 254 -9.93 -8.18 -20.32
N LEU A 255 -11.23 -8.35 -20.15
CA LEU A 255 -12.17 -7.48 -20.87
C LEU A 255 -13.18 -6.86 -19.93
N TYR A 256 -13.70 -5.68 -20.28
CA TYR A 256 -14.88 -5.21 -19.56
C TYR A 256 -15.83 -4.53 -20.55
N TYR A 257 -17.07 -4.32 -20.12
CA TYR A 257 -18.12 -3.87 -21.05
C TYR A 257 -19.05 -2.91 -20.40
N ARG A 258 -19.67 -2.04 -21.21
CA ARG A 258 -20.80 -1.27 -20.80
C ARG A 258 -21.66 -0.99 -22.04
N GLU A 259 -22.87 -0.53 -21.80
CA GLU A 259 -23.76 -0.11 -22.88
C GLU A 259 -23.53 1.36 -23.20
N HIS A 260 -23.71 1.70 -24.47
CA HIS A 260 -23.80 3.05 -24.94
C HIS A 260 -25.05 3.09 -25.84
N GLY A 261 -26.23 3.32 -25.26
CA GLY A 261 -27.44 3.21 -26.04
C GLY A 261 -27.59 1.76 -26.50
N ASP A 262 -27.76 1.54 -27.80
CA ASP A 262 -27.88 0.20 -28.35
C ASP A 262 -26.53 -0.32 -28.87
N ARG A 263 -25.46 0.39 -28.56
CA ARG A 263 -24.11 -0.09 -28.91
C ARG A 263 -23.43 -0.63 -27.65
N TYR A 264 -22.38 -1.40 -27.84
CA TYR A 264 -21.53 -1.81 -26.73
C TYR A 264 -20.16 -1.11 -26.70
N GLY A 265 -19.68 -0.84 -25.49
CA GLY A 265 -18.35 -0.31 -25.27
C GLY A 265 -17.52 -1.50 -24.75
N ILE A 266 -16.35 -1.72 -25.32
CA ILE A 266 -15.52 -2.88 -24.91
C ILE A 266 -14.11 -2.40 -24.50
N GLY A 267 -13.73 -2.66 -23.26
CA GLY A 267 -12.41 -2.27 -22.82
C GLY A 267 -11.55 -3.52 -22.81
N SER A 268 -10.35 -3.47 -23.41
CA SER A 268 -9.47 -4.62 -23.46
C SER A 268 -8.10 -4.33 -22.86
N TYR A 269 -7.68 -5.14 -21.89
CA TYR A 269 -6.28 -5.19 -21.43
C TYR A 269 -5.63 -6.44 -22.04
N ALA A 270 -6.30 -7.04 -23.01
CA ALA A 270 -5.84 -8.29 -23.60
C ALA A 270 -4.97 -7.97 -24.80
N HIS A 271 -4.03 -7.06 -24.64
CA HIS A 271 -3.10 -6.75 -25.67
C HIS A 271 -1.76 -6.48 -25.06
N ARG A 272 -0.72 -6.42 -25.89
CA ARG A 272 0.65 -6.18 -25.40
C ARG A 272 0.64 -4.84 -24.71
N PRO A 273 1.47 -4.69 -23.68
CA PRO A 273 1.69 -3.37 -23.10
C PRO A 273 2.17 -2.39 -24.16
N MET A 274 1.69 -1.15 -24.11
CA MET A 274 1.99 -0.18 -25.15
C MET A 274 2.48 1.14 -24.54
N PRO A 275 3.78 1.21 -24.20
CA PRO A 275 4.31 2.43 -23.59
C PRO A 275 4.19 3.61 -24.54
N VAL A 276 3.98 4.81 -24.00
CA VAL A 276 3.77 5.99 -24.82
C VAL A 276 4.82 7.04 -24.40
N ASP A 277 5.49 7.64 -25.37
CA ASP A 277 6.43 8.74 -25.14
C ASP A 277 5.67 10.06 -25.19
N VAL A 278 5.40 10.65 -24.02
CA VAL A 278 4.57 11.85 -24.00
C VAL A 278 5.19 12.99 -24.78
N ASP A 279 6.51 12.99 -24.94
CA ASP A 279 7.22 14.05 -25.68
C ASP A 279 6.96 14.03 -27.18
N THR A 280 6.45 12.91 -27.71
CA THR A 280 6.11 12.79 -29.13
C THR A 280 4.67 13.05 -29.44
N LEU A 281 3.86 13.39 -28.43
CA LEU A 281 2.42 13.54 -28.61
C LEU A 281 2.10 14.69 -29.54
N GLY A 282 2.92 15.73 -29.46
CA GLY A 282 2.68 16.95 -30.22
C GLY A 282 1.82 17.92 -29.42
N ALA A 283 2.02 19.22 -29.63
CA ALA A 283 1.17 20.20 -28.94
C ALA A 283 -0.14 20.37 -29.70
N TYR A 284 -1.25 20.06 -29.06
CA TYR A 284 -2.54 20.25 -29.71
C TYR A 284 -3.00 21.70 -29.47
N ALA A 285 -3.26 22.42 -30.55
CA ALA A 285 -3.90 23.74 -30.43
C ALA A 285 -5.28 23.52 -29.82
N PRO A 286 -5.60 24.26 -28.75
CA PRO A 286 -6.87 24.10 -28.02
C PRO A 286 -8.11 24.02 -28.93
N GLU A 287 -8.16 24.82 -29.98
CA GLU A 287 -9.33 24.87 -30.86
C GLU A 287 -9.46 23.64 -31.72
N THR A 288 -8.40 22.82 -31.79
CA THR A 288 -8.46 21.57 -32.54
C THR A 288 -8.90 20.34 -31.72
N VAL A 289 -8.97 20.47 -30.39
CA VAL A 289 -9.34 19.34 -29.53
C VAL A 289 -10.83 19.02 -29.65
N SER A 290 -11.13 17.81 -30.06
CA SER A 290 -12.50 17.32 -30.10
C SER A 290 -12.55 15.84 -29.67
N GLU A 291 -13.73 15.24 -29.74
CA GLU A 291 -13.91 13.89 -29.24
C GLU A 291 -12.93 12.86 -29.84
N HIS A 292 -12.63 12.99 -31.13
CA HIS A 292 -11.77 11.97 -31.76
C HIS A 292 -10.40 12.51 -32.05
N HIS A 293 -10.10 13.68 -31.50
CA HIS A 293 -8.82 14.32 -31.75
C HIS A 293 -8.34 15.03 -30.47
N MET A 294 -7.67 14.28 -29.60
CA MET A 294 -7.16 14.83 -28.36
C MET A 294 -5.87 14.09 -28.03
N PRO A 295 -5.02 14.70 -27.20
CA PRO A 295 -3.72 14.08 -26.90
C PRO A 295 -3.82 12.65 -26.31
N SER A 296 -4.84 12.36 -25.49
CA SER A 296 -4.95 11.06 -24.83
C SER A 296 -5.42 9.91 -25.74
N ARG A 297 -5.82 10.22 -26.97
CA ARG A 297 -6.29 9.16 -27.88
C ARG A 297 -5.30 8.94 -29.01
N LEU A 298 -4.66 7.78 -29.03
CA LEU A 298 -3.79 7.40 -30.16
C LEU A 298 -4.59 6.56 -31.16
N ASP A 299 -4.13 6.51 -32.41
CA ASP A 299 -4.72 5.60 -33.40
C ASP A 299 -5.02 4.19 -32.92
N PHE A 300 -6.20 3.69 -33.28
CA PHE A 300 -6.60 2.31 -33.01
C PHE A 300 -5.71 1.32 -33.78
N THR A 301 -5.25 0.26 -33.10
CA THR A 301 -4.51 -0.81 -33.78
C THR A 301 -5.34 -2.07 -33.81
N LEU A 302 -6.13 -2.22 -34.88
CA LEU A 302 -7.09 -3.32 -34.95
C LEU A 302 -6.48 -4.68 -34.69
N GLU A 303 -5.30 -4.92 -35.23
CA GLU A 303 -4.65 -6.23 -35.09
C GLU A 303 -4.57 -6.66 -33.63
N ASP A 304 -4.31 -5.70 -32.74
CA ASP A 304 -4.21 -6.02 -31.30
C ASP A 304 -5.53 -6.42 -30.66
N PHE A 305 -6.61 -6.02 -31.32
CA PHE A 305 -7.92 -6.17 -30.73
C PHE A 305 -8.62 -7.45 -31.20
N LEU A 306 -8.16 -8.07 -32.28
CA LEU A 306 -8.92 -9.22 -32.84
C LEU A 306 -9.21 -10.34 -31.85
N PRO A 307 -8.19 -10.77 -31.07
CA PRO A 307 -8.50 -11.82 -30.09
C PRO A 307 -9.54 -11.39 -29.05
N ALA A 308 -9.49 -10.14 -28.64
CA ALA A 308 -10.47 -9.65 -27.67
C ALA A 308 -11.89 -9.69 -28.30
N TRP A 309 -11.97 -9.34 -29.58
CA TRP A 309 -13.27 -9.33 -30.28
C TRP A 309 -13.82 -10.77 -30.34
N GLU A 310 -12.98 -11.74 -30.71
CA GLU A 310 -13.42 -13.15 -30.64
C GLU A 310 -13.90 -13.58 -29.29
N ALA A 311 -13.12 -13.28 -28.25
CA ALA A 311 -13.56 -13.65 -26.91
C ALA A 311 -14.90 -12.96 -26.55
N THR A 312 -15.06 -11.70 -26.95
CA THR A 312 -16.31 -10.94 -26.71
C THR A 312 -17.51 -11.64 -27.35
N LYS A 313 -17.37 -12.03 -28.61
CA LYS A 313 -18.47 -12.75 -29.26
C LYS A 313 -18.81 -14.07 -28.57
N GLN A 314 -17.81 -14.75 -27.99
CA GLN A 314 -18.08 -15.95 -27.20
C GLN A 314 -18.89 -15.67 -25.94
N LEU A 315 -18.51 -14.63 -25.20
CA LEU A 315 -19.20 -14.32 -23.97
C LEU A 315 -20.62 -13.80 -24.24
N LEU A 316 -20.72 -12.95 -25.25
CA LEU A 316 -21.98 -12.21 -25.60
C LEU A 316 -22.29 -12.38 -27.08
N PRO A 317 -22.89 -13.51 -27.44
CA PRO A 317 -23.08 -13.92 -28.84
C PRO A 317 -23.87 -12.86 -29.62
N ALA A 318 -24.76 -12.11 -28.97
CA ALA A 318 -25.51 -11.07 -29.69
C ALA A 318 -24.59 -10.08 -30.38
N LEU A 319 -23.39 -9.88 -29.82
CA LEU A 319 -22.52 -8.89 -30.43
C LEU A 319 -21.91 -9.40 -31.73
N ALA A 320 -22.04 -10.70 -31.98
CA ALA A 320 -21.50 -11.25 -33.20
C ALA A 320 -22.30 -10.70 -34.40
N ASP A 321 -23.51 -10.21 -34.12
CA ASP A 321 -24.31 -9.54 -35.16
C ASP A 321 -24.07 -8.04 -35.21
N SER A 322 -22.97 -7.58 -34.64
CA SER A 322 -22.56 -6.18 -34.82
C SER A 322 -21.15 -6.19 -35.39
N GLU A 323 -20.60 -5.02 -35.65
CA GLU A 323 -19.22 -4.91 -36.10
C GLU A 323 -18.52 -3.89 -35.24
N ILE A 324 -17.20 -3.84 -35.36
CA ILE A 324 -16.44 -2.79 -34.70
C ILE A 324 -16.71 -1.46 -35.42
N GLU A 325 -17.16 -0.45 -34.67
CA GLU A 325 -17.45 0.83 -35.29
C GLU A 325 -16.30 1.82 -35.17
N ASP A 326 -15.84 2.05 -33.94
CA ASP A 326 -14.74 2.99 -33.65
C ASP A 326 -13.91 2.40 -32.50
N GLY A 327 -12.60 2.49 -32.61
CA GLY A 327 -11.71 2.12 -31.52
C GLY A 327 -10.69 3.22 -31.35
N PHE A 328 -10.01 3.22 -30.21
CA PHE A 328 -8.80 4.04 -30.08
C PHE A 328 -7.89 3.37 -29.05
N ASN A 329 -6.63 3.77 -29.06
CA ASN A 329 -5.68 3.26 -28.09
C ASN A 329 -5.57 4.42 -27.09
N GLY A 330 -6.20 4.31 -25.94
CA GLY A 330 -6.34 5.47 -25.06
C GLY A 330 -5.25 5.48 -24.00
N ILE A 331 -4.57 6.61 -23.82
CA ILE A 331 -3.46 6.66 -22.86
C ILE A 331 -3.91 6.92 -21.43
N PHE A 332 -3.36 6.15 -20.50
CA PHE A 332 -3.40 6.55 -19.10
C PHE A 332 -2.19 6.09 -18.35
N SER A 333 -2.25 6.06 -17.02
CA SER A 333 -1.03 5.87 -16.20
C SER A 333 -1.01 4.56 -15.49
N PHE A 334 0.15 3.91 -15.48
CA PHE A 334 0.37 2.77 -14.61
C PHE A 334 1.58 3.02 -13.70
N THR A 335 1.59 2.36 -12.54
CA THR A 335 2.68 2.46 -11.55
C THR A 335 3.19 1.08 -11.18
N PRO A 336 4.34 1.02 -10.50
CA PRO A 336 4.98 -0.28 -10.24
C PRO A 336 4.13 -1.18 -9.38
N ASP A 337 3.27 -0.62 -8.55
CA ASP A 337 2.48 -1.45 -7.66
C ASP A 337 0.96 -1.25 -7.83
N GLY A 338 0.54 -0.54 -8.86
CA GLY A 338 -0.88 -0.35 -9.04
C GLY A 338 -1.51 0.70 -8.11
N GLY A 339 -0.73 1.23 -7.17
CA GLY A 339 -1.25 2.28 -6.31
C GLY A 339 -1.05 3.66 -6.94
N PRO A 340 -1.87 4.65 -6.51
CA PRO A 340 -1.70 6.03 -6.99
C PRO A 340 -0.47 6.68 -6.35
N LEU A 341 -0.24 7.96 -6.69
CA LEU A 341 0.96 8.65 -6.23
C LEU A 341 0.51 9.95 -5.63
N LEU A 342 0.40 10.00 -4.28
CA LEU A 342 -0.13 11.18 -3.61
C LEU A 342 0.90 11.78 -2.65
N GLY A 343 0.81 13.08 -2.42
CA GLY A 343 1.53 13.67 -1.29
C GLY A 343 2.61 14.66 -1.65
N GLU A 344 3.33 15.13 -0.62
CA GLU A 344 4.33 16.18 -0.80
C GLU A 344 5.63 15.63 -1.37
N SER A 345 6.18 16.29 -2.38
CA SER A 345 7.46 15.86 -2.95
C SER A 345 8.56 15.95 -1.94
N LYS A 346 9.56 15.09 -2.13
CA LYS A 346 10.79 15.13 -1.36
C LYS A 346 11.62 16.34 -1.76
N GLU A 347 11.48 16.75 -3.02
CA GLU A 347 12.41 17.74 -3.60
C GLU A 347 12.04 19.16 -3.28
N LEU A 348 10.77 19.44 -3.00
CA LEU A 348 10.36 20.84 -3.01
C LEU A 348 9.22 21.04 -2.05
N ASP A 349 9.43 21.86 -1.02
CA ASP A 349 8.36 22.14 -0.07
C ASP A 349 7.19 22.79 -0.81
N GLY A 350 5.98 22.38 -0.48
CA GLY A 350 4.79 23.00 -1.05
C GLY A 350 4.36 22.47 -2.40
N PHE A 351 5.15 21.54 -2.95
CA PHE A 351 4.83 20.90 -4.23
C PHE A 351 4.30 19.47 -3.95
N TYR A 352 3.06 19.22 -4.38
CA TYR A 352 2.37 17.98 -4.12
C TYR A 352 1.97 17.28 -5.40
N VAL A 353 1.81 15.96 -5.33
CA VAL A 353 1.29 15.21 -6.48
C VAL A 353 0.02 14.51 -6.13
N ALA A 354 -0.88 14.38 -7.11
CA ALA A 354 -2.01 13.48 -6.99
C ALA A 354 -2.24 12.86 -8.36
N GLU A 355 -1.51 11.78 -8.67
CA GLU A 355 -1.41 11.28 -10.01
C GLU A 355 -1.50 9.76 -10.10
N ALA A 356 -1.84 9.30 -11.29
CA ALA A 356 -2.11 7.89 -11.56
C ALA A 356 -3.32 7.41 -10.73
N VAL A 357 -4.47 8.04 -11.00
CA VAL A 357 -5.70 7.82 -10.23
C VAL A 357 -6.81 7.45 -11.20
N TRP A 358 -7.48 6.34 -10.94
CA TRP A 358 -8.59 5.91 -11.78
C TRP A 358 -9.75 6.86 -11.53
N VAL A 359 -10.63 7.04 -12.53
CA VAL A 359 -11.83 7.82 -12.29
C VAL A 359 -12.56 7.26 -11.05
N THR A 360 -12.56 5.94 -10.96
CA THR A 360 -13.15 5.20 -9.82
C THR A 360 -12.77 5.77 -8.43
N HIS A 361 -11.53 6.24 -8.32
CA HIS A 361 -11.02 6.71 -7.02
C HIS A 361 -10.88 8.20 -6.91
N SER A 362 -11.17 8.92 -8.00
CA SER A 362 -10.83 10.32 -8.12
C SER A 362 -11.34 11.21 -6.98
N ALA A 363 -12.60 11.08 -6.63
CA ALA A 363 -13.14 12.03 -5.65
C ALA A 363 -12.51 11.70 -4.32
N GLY A 364 -12.24 10.42 -4.06
CA GLY A 364 -11.68 10.01 -2.78
C GLY A 364 -10.27 10.53 -2.63
N VAL A 365 -9.52 10.46 -3.73
CA VAL A 365 -8.16 10.98 -3.73
C VAL A 365 -8.19 12.49 -3.48
N ALA A 366 -9.10 13.17 -4.16
CA ALA A 366 -9.23 14.65 -3.99
C ALA A 366 -9.55 15.01 -2.54
N LYS A 367 -10.47 14.29 -1.94
CA LYS A 367 -10.82 14.54 -0.54
C LYS A 367 -9.60 14.34 0.38
N ALA A 368 -8.86 13.25 0.18
CA ALA A 368 -7.70 12.97 1.02
C ALA A 368 -6.68 14.09 0.93
N MET A 369 -6.40 14.50 -0.30
CA MET A 369 -5.43 15.55 -0.55
C MET A 369 -5.90 16.90 0.04
N ALA A 370 -7.19 17.18 -0.06
CA ALA A 370 -7.71 18.44 0.49
C ALA A 370 -7.57 18.44 2.04
N GLU A 371 -7.78 17.28 2.67
CA GLU A 371 -7.54 17.11 4.11
C GLU A 371 -6.06 17.30 4.40
N LEU A 372 -5.20 16.65 3.62
CA LEU A 372 -3.78 16.83 3.79
C LEU A 372 -3.36 18.30 3.70
N LEU A 373 -3.86 19.02 2.71
CA LEU A 373 -3.40 20.41 2.47
C LEU A 373 -3.90 21.35 3.57
N THR A 374 -5.15 21.17 3.97
CA THR A 374 -5.79 22.11 4.87
C THR A 374 -5.59 21.80 6.35
N THR A 375 -5.25 20.57 6.71
CA THR A 375 -5.17 20.20 8.12
C THR A 375 -3.84 19.55 8.44
N GLY A 376 -3.08 19.21 7.41
CA GLY A 376 -1.83 18.51 7.59
C GLY A 376 -1.96 17.00 7.64
N ARG A 377 -3.18 16.47 7.60
CA ARG A 377 -3.28 15.01 7.51
C ARG A 377 -4.49 14.57 6.73
N SER A 378 -4.40 13.39 6.11
CA SER A 378 -5.56 12.77 5.48
C SER A 378 -6.30 11.95 6.55
N GLU A 379 -7.63 11.97 6.53
CA GLU A 379 -8.44 11.10 7.39
C GLU A 379 -8.42 9.65 6.92
N THR A 380 -7.83 9.40 5.77
CA THR A 380 -7.70 8.01 5.29
C THR A 380 -6.22 7.65 5.20
N ASP A 381 -5.88 6.42 5.61
CA ASP A 381 -4.50 5.93 5.57
C ASP A 381 -3.95 6.00 4.13
N LEU A 382 -2.90 6.79 3.93
CA LEU A 382 -2.22 6.89 2.63
C LEU A 382 -0.92 6.06 2.51
N GLY A 383 -0.72 5.10 3.41
CA GLY A 383 0.51 4.32 3.37
C GLY A 383 0.83 3.67 2.03
N GLU A 384 -0.19 3.31 1.27
CA GLU A 384 0.02 2.63 -0.01
C GLU A 384 -0.15 3.55 -1.18
N CYS A 385 -0.40 4.84 -0.89
CA CYS A 385 -0.63 5.87 -1.90
C CYS A 385 0.48 6.91 -1.88
N ASP A 386 1.23 6.98 -0.78
CA ASP A 386 2.21 8.07 -0.64
C ASP A 386 3.35 7.92 -1.66
N ILE A 387 3.67 9.01 -2.35
CA ILE A 387 4.76 9.00 -3.35
C ILE A 387 6.07 8.53 -2.70
N THR A 388 6.22 8.80 -1.40
CA THR A 388 7.48 8.49 -0.72
C THR A 388 7.61 7.02 -0.27
N ARG A 389 6.63 6.18 -0.60
CA ARG A 389 6.75 4.76 -0.25
C ARG A 389 7.87 4.02 -0.99
N PHE A 390 8.34 4.56 -2.12
CA PHE A 390 9.29 3.87 -3.01
C PHE A 390 10.75 3.99 -2.56
N GLU A 391 11.50 2.90 -2.68
CA GLU A 391 12.92 2.91 -2.44
C GLU A 391 13.63 3.45 -3.69
N ASP A 392 14.88 3.86 -3.54
CA ASP A 392 15.61 4.43 -4.66
C ASP A 392 15.69 3.55 -5.92
N VAL A 393 15.95 2.24 -5.79
CA VAL A 393 16.04 1.39 -6.98
C VAL A 393 14.67 1.30 -7.70
N GLN A 394 13.60 1.61 -6.97
CA GLN A 394 12.21 1.49 -7.49
C GLN A 394 11.77 2.73 -8.28
N LEU A 395 12.62 3.74 -8.31
CA LEU A 395 12.28 5.01 -8.93
C LEU A 395 13.05 5.22 -10.25
N THR A 396 13.91 4.31 -10.63
CA THR A 396 14.58 4.46 -11.93
C THR A 396 13.59 4.31 -13.09
N PRO A 397 13.80 5.03 -14.20
CA PRO A 397 12.93 4.88 -15.37
C PRO A 397 12.85 3.42 -15.77
N GLU A 398 13.95 2.67 -15.72
CA GLU A 398 13.88 1.27 -16.13
C GLU A 398 12.99 0.41 -15.22
N TYR A 399 13.12 0.60 -13.92
CA TYR A 399 12.25 -0.18 -13.02
C TYR A 399 10.80 0.24 -13.26
N VAL A 400 10.54 1.55 -13.34
CA VAL A 400 9.16 2.03 -13.53
C VAL A 400 8.56 1.45 -14.82
N SER A 401 9.33 1.48 -15.90
CA SER A 401 8.84 0.92 -17.16
C SER A 401 8.54 -0.59 -17.07
N GLU A 402 9.50 -1.33 -16.55
CA GLU A 402 9.36 -2.78 -16.55
C GLU A 402 8.21 -3.25 -15.64
N THR A 403 8.14 -2.72 -14.43
CA THR A 403 7.15 -3.18 -13.45
C THR A 403 5.75 -2.64 -13.78
N SER A 404 5.68 -1.43 -14.32
CA SER A 404 4.34 -0.91 -14.68
C SER A 404 3.73 -1.69 -15.85
N GLN A 405 4.55 -2.07 -16.82
CA GLN A 405 4.06 -2.89 -17.93
C GLN A 405 3.62 -4.25 -17.44
N GLN A 406 4.37 -4.85 -16.50
CA GLN A 406 3.92 -6.07 -15.86
C GLN A 406 2.62 -5.86 -15.07
N ASN A 407 2.48 -4.75 -14.35
CA ASN A 407 1.19 -4.45 -13.70
C ASN A 407 0.03 -4.46 -14.72
N PHE A 408 0.30 -3.91 -15.92
CA PHE A 408 -0.73 -3.87 -16.99
C PHE A 408 -1.07 -5.28 -17.48
N VAL A 409 -0.05 -6.09 -17.76
CA VAL A 409 -0.25 -7.48 -18.13
C VAL A 409 -1.01 -8.28 -17.06
N GLU A 410 -0.77 -7.98 -15.78
CA GLU A 410 -1.44 -8.75 -14.74
C GLU A 410 -2.66 -8.07 -14.17
N ILE A 411 -3.13 -7.00 -14.82
CA ILE A 411 -4.08 -6.12 -14.14
C ILE A 411 -5.30 -6.89 -13.63
N TYR A 412 -5.81 -7.85 -14.42
CA TYR A 412 -7.03 -8.58 -14.05
C TYR A 412 -6.74 -10.02 -13.62
N ASP A 413 -5.48 -10.37 -13.32
CA ASP A 413 -5.15 -11.77 -12.98
C ASP A 413 -5.46 -12.06 -11.52
N VAL A 414 -5.75 -13.32 -11.22
CA VAL A 414 -5.90 -13.71 -9.81
C VAL A 414 -4.51 -13.97 -9.26
N LEU A 415 -4.15 -13.26 -8.19
CA LEU A 415 -2.79 -13.32 -7.65
C LEU A 415 -2.81 -13.50 -6.13
N HIS A 416 -1.94 -14.35 -5.62
CA HIS A 416 -1.76 -14.53 -4.20
C HIS A 416 -1.05 -13.29 -3.63
N PRO A 417 -1.38 -12.91 -2.39
CA PRO A 417 -0.76 -11.72 -1.76
C PRO A 417 0.77 -11.82 -1.64
N LEU A 418 1.35 -13.02 -1.61
CA LEU A 418 2.81 -13.11 -1.58
C LEU A 418 3.48 -13.25 -2.95
N GLN A 419 2.71 -13.31 -4.03
CA GLN A 419 3.27 -13.59 -5.35
C GLN A 419 4.38 -12.60 -5.69
N PRO A 420 5.61 -13.10 -5.95
CA PRO A 420 6.71 -12.18 -6.34
C PRO A 420 6.73 -11.93 -7.84
N ARG A 421 7.39 -10.85 -8.25
CA ARG A 421 7.75 -10.67 -9.66
C ARG A 421 8.88 -11.62 -9.99
N LEU A 422 9.03 -12.01 -11.25
CA LEU A 422 10.19 -12.82 -11.62
C LEU A 422 11.31 -11.92 -12.14
N SER A 423 10.97 -10.68 -12.41
CA SER A 423 11.95 -9.73 -12.89
C SER A 423 11.32 -8.36 -12.68
N PRO A 424 12.14 -7.35 -12.34
CA PRO A 424 13.57 -7.41 -11.99
C PRO A 424 13.76 -7.96 -10.57
N ARG A 425 14.83 -8.73 -10.36
CA ARG A 425 15.09 -9.36 -9.07
C ARG A 425 16.58 -9.19 -8.74
N ASN A 426 16.96 -9.54 -7.53
CA ASN A 426 18.37 -9.40 -7.08
C ASN A 426 18.93 -7.97 -7.17
N LEU A 427 18.08 -6.99 -6.97
CA LEU A 427 18.53 -5.60 -7.03
C LEU A 427 19.33 -5.28 -5.78
N ARG A 428 18.79 -5.64 -4.63
CA ARG A 428 19.46 -5.35 -3.36
C ARG A 428 19.64 -6.67 -2.63
N VAL A 429 20.87 -6.96 -2.21
CA VAL A 429 21.10 -8.17 -1.46
C VAL A 429 21.97 -7.84 -0.23
N SER A 430 21.76 -8.60 0.85
CA SER A 430 22.57 -8.40 2.04
C SER A 430 23.93 -9.06 1.83
N PRO A 431 24.89 -8.76 2.73
CA PRO A 431 26.26 -9.31 2.67
C PRO A 431 26.27 -10.82 2.85
N PHE A 432 25.18 -11.38 3.36
CA PHE A 432 25.11 -12.82 3.63
C PHE A 432 24.57 -13.63 2.44
N HIS A 433 24.41 -12.97 1.32
CA HIS A 433 23.65 -13.54 0.20
C HIS A 433 24.27 -14.83 -0.33
N ALA A 434 25.59 -14.85 -0.48
CA ALA A 434 26.21 -16.10 -0.94
C ALA A 434 25.94 -17.25 0.04
N ARG A 435 26.05 -16.98 1.34
CA ARG A 435 25.84 -18.01 2.36
C ARG A 435 24.38 -18.46 2.33
N HIS A 436 23.46 -17.53 2.10
CA HIS A 436 22.05 -17.88 2.04
C HIS A 436 21.74 -18.82 0.86
N LYS A 437 22.33 -18.55 -0.31
CA LYS A 437 22.16 -19.43 -1.46
C LYS A 437 22.73 -20.79 -1.21
N GLU A 438 23.87 -20.84 -0.53
CA GLU A 438 24.45 -22.12 -0.13
C GLU A 438 23.45 -22.92 0.69
N LEU A 439 22.67 -22.21 1.49
CA LEU A 439 21.72 -22.88 2.40
C LEU A 439 20.34 -23.06 1.71
N GLY A 440 20.28 -22.80 0.41
CA GLY A 440 19.05 -23.00 -0.37
C GLY A 440 17.90 -22.07 0.08
N ALA A 441 18.22 -20.80 0.29
CA ALA A 441 17.24 -19.82 0.66
C ALA A 441 16.13 -19.78 -0.41
N PHE A 442 14.87 -19.68 0.01
CA PHE A 442 13.75 -19.33 -0.88
C PHE A 442 13.53 -17.82 -0.71
N PHE A 443 13.88 -17.03 -1.73
CA PHE A 443 13.84 -15.57 -1.62
C PHE A 443 12.53 -14.97 -2.16
N LEU A 444 11.95 -14.02 -1.45
CA LEU A 444 10.88 -13.14 -1.95
C LEU A 444 11.45 -11.71 -1.82
N GLU A 445 10.89 -10.76 -2.55
CA GLU A 445 11.45 -9.42 -2.50
C GLU A 445 10.48 -8.42 -1.97
N ALA A 446 11.04 -7.42 -1.31
CA ALA A 446 10.27 -6.24 -0.88
C ALA A 446 11.23 -5.07 -0.75
N GLY A 447 10.84 -3.92 -1.32
CA GLY A 447 11.65 -2.72 -1.34
C GLY A 447 12.90 -2.91 -2.18
N GLY A 448 12.91 -3.87 -3.07
CA GLY A 448 14.11 -4.21 -3.85
C GLY A 448 15.04 -5.24 -3.18
N TRP A 449 14.83 -5.51 -1.88
CA TRP A 449 15.67 -6.45 -1.16
C TRP A 449 15.21 -7.89 -1.34
N GLU A 450 16.16 -8.79 -1.56
CA GLU A 450 15.89 -10.22 -1.59
C GLU A 450 15.90 -10.76 -0.15
N ARG A 451 14.76 -11.34 0.30
CA ARG A 451 14.60 -11.74 1.70
C ARG A 451 14.28 -13.25 1.83
N PRO A 452 15.13 -14.01 2.53
CA PRO A 452 14.80 -15.44 2.60
C PRO A 452 13.52 -15.64 3.37
N TYR A 453 12.61 -16.47 2.86
CA TYR A 453 11.41 -16.79 3.61
C TYR A 453 11.62 -18.08 4.39
N TRP A 454 12.53 -18.93 3.94
CA TRP A 454 12.96 -20.11 4.69
C TRP A 454 14.14 -20.70 3.91
N PHE A 455 14.76 -21.76 4.45
CA PHE A 455 15.99 -22.31 3.88
C PHE A 455 15.86 -23.81 3.67
N GLU A 456 16.09 -24.24 2.43
CA GLU A 456 15.88 -25.63 2.09
C GLU A 456 16.84 -26.51 2.86
N ALA A 457 17.96 -25.95 3.30
CA ALA A 457 18.88 -26.74 4.10
C ALA A 457 18.20 -27.27 5.37
N ASN A 458 17.16 -26.56 5.82
CA ASN A 458 16.52 -26.88 7.08
C ASN A 458 15.47 -28.02 6.90
N ALA A 459 15.22 -28.41 5.65
CA ALA A 459 14.33 -29.56 5.39
C ALA A 459 14.84 -30.76 6.15
N ALA A 460 16.14 -30.87 6.25
CA ALA A 460 16.76 -32.03 6.89
C ALA A 460 16.37 -32.16 8.37
N LEU A 461 15.92 -31.06 8.98
CA LEU A 461 15.52 -31.05 10.37
C LEU A 461 14.13 -31.60 10.60
N LEU A 462 13.30 -31.67 9.56
CA LEU A 462 11.92 -32.16 9.82
C LEU A 462 11.87 -33.62 10.29
N LYS A 463 12.80 -34.46 9.85
CA LYS A 463 12.77 -35.85 10.33
C LYS A 463 13.00 -35.93 11.84
N GLU A 464 13.64 -34.93 12.42
CA GLU A 464 14.01 -34.93 13.84
C GLU A 464 13.04 -34.16 14.70
N MET A 465 12.18 -33.37 14.07
CA MET A 465 11.31 -32.44 14.79
C MET A 465 10.18 -33.18 15.53
N PRO A 466 9.89 -32.81 16.78
CA PRO A 466 8.78 -33.45 17.51
C PRO A 466 7.47 -33.18 16.81
N ALA A 467 6.61 -34.20 16.80
CA ALA A 467 5.36 -34.12 16.07
C ALA A 467 4.49 -32.97 16.55
N GLU A 468 4.63 -32.58 17.81
CA GLU A 468 3.92 -31.45 18.37
C GLU A 468 4.16 -30.13 17.59
N TRP A 469 5.30 -30.05 16.90
CA TRP A 469 5.68 -28.86 16.12
C TRP A 469 5.23 -28.94 14.66
N LEU A 470 4.77 -30.11 14.22
CA LEU A 470 4.36 -30.24 12.81
C LEU A 470 2.93 -29.75 12.58
N PRO A 471 2.76 -28.77 11.69
CA PRO A 471 1.44 -28.20 11.45
C PRO A 471 0.62 -29.15 10.56
N PRO A 472 -0.70 -28.98 10.53
CA PRO A 472 -1.56 -29.75 9.62
C PRO A 472 -1.37 -29.31 8.16
N ALA A 473 -1.84 -30.11 7.22
CA ALA A 473 -1.78 -29.72 5.81
C ALA A 473 -2.44 -28.36 5.61
N ARG A 474 -1.88 -27.60 4.66
CA ARG A 474 -2.47 -26.34 4.20
C ARG A 474 -3.28 -26.55 2.95
N ASP A 475 -4.29 -25.73 2.76
CA ASP A 475 -4.99 -25.75 1.49
C ASP A 475 -4.08 -25.15 0.40
N ALA A 476 -4.48 -25.25 -0.85
CA ALA A 476 -3.63 -24.81 -1.93
C ALA A 476 -3.31 -23.31 -1.85
N TRP A 477 -4.28 -22.49 -1.44
CA TRP A 477 -4.06 -21.05 -1.43
C TRP A 477 -3.13 -20.62 -0.30
N SER A 478 -3.45 -21.03 0.93
CA SER A 478 -2.60 -20.66 2.05
C SER A 478 -1.25 -21.38 1.97
N GLY A 479 -1.19 -22.48 1.21
CA GLY A 479 0.08 -23.18 0.99
C GLY A 479 1.00 -22.54 -0.06
N MET A 480 0.48 -21.58 -0.84
CA MET A 480 1.37 -20.94 -1.83
C MET A 480 2.43 -20.09 -1.12
N PHE A 481 3.67 -20.16 -1.54
CA PHE A 481 4.73 -19.35 -0.89
C PHE A 481 4.80 -19.61 0.62
N SER A 482 4.52 -20.85 0.99
CA SER A 482 4.68 -21.33 2.34
C SER A 482 5.39 -22.70 2.30
N SER A 483 5.94 -23.13 3.42
CA SER A 483 6.57 -24.44 3.48
C SER A 483 6.60 -24.93 4.91
N PRO A 484 6.44 -26.26 5.10
CA PRO A 484 6.58 -26.90 6.42
C PRO A 484 7.93 -26.60 7.04
N ILE A 485 8.90 -26.25 6.21
CA ILE A 485 10.22 -25.90 6.75
C ILE A 485 10.15 -24.75 7.74
N ALA A 486 9.18 -23.86 7.58
CA ALA A 486 9.06 -22.72 8.48
C ALA A 486 8.81 -23.20 9.91
N ALA A 487 8.11 -24.33 10.05
CA ALA A 487 7.81 -24.90 11.36
C ALA A 487 9.11 -25.32 12.04
N ALA A 488 9.99 -26.00 11.30
CA ALA A 488 11.28 -26.38 11.86
C ALA A 488 12.11 -25.15 12.27
N GLU A 489 12.02 -24.08 11.49
CA GLU A 489 12.80 -22.85 11.83
C GLU A 489 12.25 -22.13 13.06
N ALA A 490 10.93 -22.18 13.22
CA ALA A 490 10.32 -21.67 14.43
C ALA A 490 10.73 -22.53 15.66
N TRP A 491 10.61 -23.83 15.49
CA TRP A 491 11.07 -24.79 16.48
C TRP A 491 12.50 -24.51 17.00
N LYS A 492 13.47 -24.37 16.09
CA LYS A 492 14.84 -24.14 16.48
C LYS A 492 15.03 -22.75 17.13
N THR A 493 14.29 -21.76 16.67
CA THR A 493 14.36 -20.43 17.27
C THR A 493 13.85 -20.46 18.71
N ARG A 494 12.79 -21.20 18.95
CA ARG A 494 12.24 -21.37 20.30
C ARG A 494 13.05 -22.31 21.22
N THR A 495 13.85 -23.22 20.66
CA THR A 495 14.52 -24.22 21.51
C THR A 495 16.03 -24.27 21.37
N ALA A 496 16.60 -23.59 20.37
CA ALA A 496 18.03 -23.64 20.15
C ALA A 496 18.60 -22.23 19.88
N VAL A 497 19.05 -21.96 18.67
CA VAL A 497 19.50 -20.62 18.29
C VAL A 497 19.45 -20.44 16.78
N ALA A 498 18.94 -19.28 16.34
CA ALA A 498 18.73 -19.01 14.92
C ALA A 498 19.37 -17.72 14.49
N MET A 499 19.74 -17.62 13.23
CA MET A 499 20.30 -16.37 12.71
C MET A 499 19.38 -15.84 11.63
N TYR A 500 18.73 -14.72 11.93
CA TYR A 500 17.85 -14.07 10.97
C TYR A 500 18.54 -12.89 10.30
N ASP A 501 18.22 -12.65 9.04
CA ASP A 501 18.82 -11.53 8.31
C ASP A 501 17.94 -10.30 8.46
N MET A 502 18.35 -9.34 9.31
CA MET A 502 17.53 -8.16 9.57
C MET A 502 18.07 -6.99 8.74
N THR A 503 19.01 -7.28 7.86
CA THR A 503 19.59 -6.21 7.03
C THR A 503 18.51 -5.26 6.36
N PRO A 504 17.42 -5.82 5.79
CA PRO A 504 16.46 -4.97 5.10
C PRO A 504 15.67 -3.99 6.02
N LEU A 505 15.72 -4.16 7.33
CA LEU A 505 15.04 -3.23 8.24
C LEU A 505 15.55 -1.80 7.99
N LYS A 506 14.64 -0.89 7.63
CA LYS A 506 15.07 0.51 7.40
C LYS A 506 15.86 1.06 8.59
N ARG A 507 17.03 1.62 8.27
CA ARG A 507 18.00 2.00 9.27
C ARG A 507 18.40 3.45 9.00
N LEU A 508 18.04 4.34 9.93
CA LEU A 508 18.29 5.77 9.76
C LEU A 508 19.26 6.27 10.82
N GLU A 509 20.24 7.07 10.42
CA GLU A 509 21.12 7.67 11.42
C GLU A 509 20.77 9.16 11.50
N VAL A 510 20.42 9.59 12.70
CA VAL A 510 20.04 10.96 12.93
C VAL A 510 21.12 11.55 13.81
N SER A 511 21.85 12.53 13.30
CA SER A 511 23.01 12.98 14.03
C SER A 511 23.10 14.51 14.04
N GLY A 512 23.96 15.04 14.91
CA GLY A 512 24.08 16.48 15.02
C GLY A 512 23.56 17.00 16.36
N PRO A 513 23.96 18.22 16.74
CA PRO A 513 23.58 18.79 18.04
C PRO A 513 22.08 18.96 18.18
N GLY A 514 21.32 19.07 17.09
CA GLY A 514 19.87 19.16 17.21
C GLY A 514 19.14 17.82 17.09
N ALA A 515 19.88 16.72 17.02
CA ALA A 515 19.25 15.40 16.93
C ALA A 515 18.30 15.06 18.09
N LEU A 516 18.77 15.17 19.34
CA LEU A 516 17.86 14.85 20.46
C LEU A 516 16.61 15.73 20.42
N LYS A 517 16.79 17.02 20.19
CA LYS A 517 15.67 17.95 20.10
C LYS A 517 14.67 17.51 19.00
N LEU A 518 15.20 17.15 17.82
CA LEU A 518 14.28 16.67 16.78
C LEU A 518 13.43 15.48 17.26
N LEU A 519 14.11 14.46 17.78
CA LEU A 519 13.43 13.21 18.16
C LEU A 519 12.50 13.36 19.35
N GLN A 520 12.85 14.26 20.26
CA GLN A 520 11.98 14.58 21.39
C GLN A 520 10.65 15.14 20.91
N GLU A 521 10.68 15.91 19.83
CA GLU A 521 9.43 16.51 19.35
C GLU A 521 8.62 15.49 18.52
N LEU A 522 9.30 14.68 17.70
CA LEU A 522 8.60 13.78 16.76
C LEU A 522 8.05 12.50 17.36
N THR A 523 8.68 12.00 18.41
CA THR A 523 8.35 10.70 18.97
C THR A 523 7.59 10.83 20.28
N THR A 524 7.11 9.70 20.80
CA THR A 524 6.29 9.67 22.02
C THR A 524 7.07 9.25 23.26
N ALA A 525 8.39 9.22 23.15
CA ALA A 525 9.30 8.77 24.22
C ALA A 525 10.12 9.93 24.78
N ASP A 526 10.55 9.81 26.04
CA ASP A 526 11.59 10.69 26.55
C ASP A 526 12.94 10.08 26.21
N LEU A 527 13.59 10.64 25.22
CA LEU A 527 14.83 10.09 24.72
C LEU A 527 16.06 10.67 25.40
N ALA A 528 15.86 11.54 26.38
CA ALA A 528 17.00 12.26 26.97
C ALA A 528 17.55 11.40 28.10
N LYS A 529 18.29 10.38 27.72
CA LYS A 529 18.83 9.43 28.66
C LYS A 529 20.28 9.21 28.26
N LYS A 530 21.16 8.82 29.17
CA LYS A 530 22.55 8.62 28.75
C LYS A 530 22.57 7.57 27.63
N PRO A 531 23.49 7.74 26.68
CA PRO A 531 23.58 6.82 25.55
C PRO A 531 23.54 5.33 25.94
N GLY A 532 23.00 4.51 25.06
CA GLY A 532 22.98 3.08 25.29
C GLY A 532 21.56 2.56 25.43
N ALA A 533 20.62 3.47 25.53
CA ALA A 533 19.23 3.07 25.67
C ALA A 533 18.59 2.82 24.31
N VAL A 534 17.82 1.75 24.23
CA VAL A 534 16.99 1.49 23.07
C VAL A 534 15.58 1.72 23.51
N THR A 535 14.78 2.38 22.68
CA THR A 535 13.39 2.71 23.05
C THR A 535 12.45 2.43 21.87
N TYR A 536 11.42 1.67 22.14
CA TYR A 536 10.36 1.44 21.17
C TYR A 536 9.40 2.60 21.35
N THR A 537 9.04 3.27 20.26
CA THR A 537 8.26 4.52 20.40
C THR A 537 7.49 4.75 19.11
N LEU A 538 6.48 5.63 19.17
CA LEU A 538 5.63 5.88 18.01
C LEU A 538 5.91 7.27 17.47
N LEU A 539 5.56 7.46 16.21
CA LEU A 539 5.47 8.78 15.62
C LEU A 539 4.00 9.00 15.34
N LEU A 540 3.42 10.10 15.85
CA LEU A 540 2.01 10.38 15.64
C LEU A 540 1.87 11.55 14.67
N ASP A 541 0.69 11.72 14.10
CA ASP A 541 0.35 12.99 13.49
C ASP A 541 -0.40 13.87 14.52
N HIS A 542 -0.80 15.07 14.10
CA HIS A 542 -1.40 16.03 15.03
C HIS A 542 -2.76 15.56 15.58
N ALA A 543 -3.37 14.58 14.91
CA ALA A 543 -4.62 13.99 15.40
C ALA A 543 -4.41 12.79 16.33
N GLY A 544 -3.15 12.48 16.59
CA GLY A 544 -2.87 11.32 17.42
C GLY A 544 -2.85 9.99 16.67
N GLY A 545 -2.99 10.01 15.35
CA GLY A 545 -2.99 8.76 14.57
C GLY A 545 -1.55 8.24 14.48
N VAL A 546 -1.37 6.93 14.28
CA VAL A 546 -0.02 6.37 14.36
C VAL A 546 0.60 6.37 12.97
N ARG A 547 1.53 7.30 12.72
CA ARG A 547 2.30 7.40 11.46
C ARG A 547 3.32 6.28 11.33
N SER A 548 3.86 5.83 12.47
CA SER A 548 4.94 4.82 12.46
C SER A 548 5.21 4.29 13.86
N ALA A 549 5.85 3.12 13.93
CA ALA A 549 6.33 2.62 15.21
C ALA A 549 7.78 2.22 14.97
N ILE A 550 8.71 2.75 15.76
CA ILE A 550 10.11 2.58 15.46
C ILE A 550 10.89 2.26 16.73
N THR A 551 12.16 1.94 16.57
CA THR A 551 13.07 1.88 17.71
C THR A 551 14.05 3.03 17.58
N VAL A 552 14.46 3.59 18.72
CA VAL A 552 15.48 4.63 18.73
C VAL A 552 16.59 4.16 19.66
N ALA A 553 17.81 4.05 19.14
CA ALA A 553 18.93 3.64 19.97
C ALA A 553 19.85 4.85 20.03
N ARG A 554 20.13 5.31 21.23
CA ARG A 554 21.02 6.46 21.36
C ARG A 554 22.44 5.95 21.50
N LEU A 555 23.21 6.15 20.45
CA LEU A 555 24.50 5.53 20.32
C LEU A 555 25.56 6.45 20.95
N SER A 556 25.30 7.75 20.96
CA SER A 556 26.19 8.72 21.61
C SER A 556 25.42 10.01 21.83
N GLU A 557 26.08 11.04 22.39
CA GLU A 557 25.38 12.28 22.73
C GLU A 557 24.55 12.86 21.57
N ASP A 558 25.16 12.85 20.38
CA ASP A 558 24.53 13.46 19.22
C ASP A 558 24.24 12.48 18.09
N THR A 559 24.21 11.18 18.38
CA THR A 559 23.94 10.19 17.31
C THR A 559 22.91 9.15 17.72
N PHE A 560 21.88 8.98 16.91
CA PHE A 560 20.83 8.00 17.24
C PHE A 560 20.64 7.13 15.98
N GLN A 561 20.43 5.84 16.17
CA GLN A 561 20.10 4.94 15.08
C GLN A 561 18.65 4.58 15.23
N LEU A 562 17.87 4.74 14.16
CA LEU A 562 16.46 4.40 14.20
C LEU A 562 16.20 3.15 13.36
N GLY A 563 15.39 2.24 13.87
CA GLY A 563 14.86 1.12 13.08
C GLY A 563 13.49 1.62 12.66
N ALA A 564 13.36 2.00 11.40
CA ALA A 564 12.11 2.61 10.90
C ALA A 564 11.30 1.65 10.03
N ASN A 565 10.22 2.13 9.43
CA ASN A 565 9.32 1.24 8.70
C ASN A 565 9.39 1.35 7.19
N GLY A 566 10.24 2.21 6.66
CA GLY A 566 10.33 2.30 5.22
C GLY A 566 10.62 3.72 4.79
N ASN A 567 10.45 4.02 3.50
CA ASN A 567 10.89 5.31 3.00
C ASN A 567 9.89 6.40 3.29
N ILE A 568 8.67 6.06 3.73
CA ILE A 568 7.78 7.14 4.21
C ILE A 568 8.41 7.79 5.44
N ASP A 569 8.89 6.99 6.40
CA ASP A 569 9.63 7.49 7.54
C ASP A 569 10.85 8.31 7.11
N THR A 570 11.67 7.75 6.22
CA THR A 570 12.87 8.43 5.79
C THR A 570 12.55 9.85 5.33
N ALA A 571 11.55 9.99 4.44
CA ALA A 571 11.23 11.31 3.91
C ALA A 571 10.64 12.19 5.01
N TYR A 572 9.91 11.59 5.93
CA TYR A 572 9.34 12.36 7.04
C TYR A 572 10.44 12.97 7.91
N PHE A 573 11.41 12.16 8.29
CA PHE A 573 12.56 12.65 9.06
C PHE A 573 13.41 13.65 8.29
N GLU A 574 13.68 13.39 7.00
CA GLU A 574 14.48 14.29 6.16
C GLU A 574 13.90 15.70 6.16
N ARG A 575 12.63 15.82 5.85
CA ARG A 575 12.02 17.14 5.82
C ARG A 575 12.03 17.79 7.22
N ALA A 576 11.69 17.03 8.25
CA ALA A 576 11.61 17.63 9.59
C ALA A 576 12.96 18.14 10.09
N ALA A 577 14.03 17.39 9.78
CA ALA A 577 15.41 17.75 10.13
C ALA A 577 15.84 19.00 9.37
N ARG A 578 15.49 19.04 8.08
CA ARG A 578 15.80 20.22 7.26
C ARG A 578 15.07 21.45 7.82
N HIS A 579 13.82 21.28 8.21
CA HIS A 579 13.08 22.42 8.69
C HIS A 579 13.68 22.94 10.01
N GLN A 580 14.00 22.03 10.90
CA GLN A 580 14.63 22.39 12.16
C GLN A 580 15.96 23.10 11.94
N THR A 581 16.82 22.55 11.07
CA THR A 581 18.09 23.13 10.72
C THR A 581 17.96 24.56 10.16
N GLN A 582 17.08 24.74 9.18
CA GLN A 582 16.86 26.04 8.55
C GLN A 582 16.41 27.12 9.54
N SER A 583 15.61 26.75 10.50
CA SER A 583 15.03 27.79 11.33
C SER A 583 15.71 27.86 12.70
N GLY A 584 16.68 26.98 12.92
CA GLY A 584 17.35 26.98 14.22
C GLY A 584 18.73 27.64 14.28
N SER A 585 19.36 27.47 15.43
CA SER A 585 20.67 28.03 15.71
C SER A 585 21.82 27.14 15.21
N ALA A 586 23.03 27.52 15.60
CA ALA A 586 24.21 26.72 15.32
C ALA A 586 24.20 25.42 16.12
N THR A 587 23.26 25.28 17.03
CA THR A 587 23.19 24.09 17.85
C THR A 587 21.92 23.27 17.61
N ASP A 588 21.15 23.67 16.60
CA ASP A 588 19.96 22.94 16.22
C ASP A 588 20.12 22.10 14.96
N TRP A 589 21.26 22.19 14.28
CA TRP A 589 21.40 21.48 13.01
C TRP A 589 21.38 19.96 13.21
N VAL A 590 20.80 19.27 12.24
CA VAL A 590 20.67 17.81 12.33
C VAL A 590 20.58 17.21 10.92
N GLN A 591 21.28 16.10 10.75
CA GLN A 591 21.38 15.40 9.49
C GLN A 591 20.72 14.00 9.65
N VAL A 592 20.04 13.54 8.61
CA VAL A 592 19.40 12.22 8.59
C VAL A 592 19.99 11.44 7.42
N ARG A 593 20.51 10.24 7.68
CA ARG A 593 21.04 9.38 6.62
C ARG A 593 20.33 8.03 6.62
N ASP A 594 19.94 7.54 5.44
CA ASP A 594 19.47 6.17 5.32
C ASP A 594 20.70 5.26 5.10
N THR A 595 21.11 4.53 6.14
CA THR A 595 22.32 3.74 6.07
C THR A 595 22.06 2.26 5.78
N THR A 596 20.79 1.90 5.58
CA THR A 596 20.40 0.49 5.39
C THR A 596 21.30 -0.21 4.39
N GLY A 597 21.52 0.43 3.23
CA GLY A 597 22.26 -0.18 2.13
C GLY A 597 23.76 -0.37 2.36
N GLY A 598 24.28 0.37 3.32
CA GLY A 598 25.68 0.31 3.70
C GLY A 598 26.02 -0.55 4.93
N THR A 599 25.01 -1.14 5.55
CA THR A 599 25.20 -1.82 6.80
C THR A 599 24.47 -3.17 6.72
N CYS A 600 24.60 -3.99 7.77
CA CYS A 600 23.82 -5.23 7.85
C CYS A 600 23.50 -5.53 9.30
N CYS A 601 22.65 -6.54 9.48
CA CYS A 601 22.21 -6.91 10.82
C CYS A 601 21.82 -8.35 10.87
N ILE A 602 22.30 -9.05 11.90
CA ILE A 602 21.88 -10.41 12.16
C ILE A 602 21.08 -10.43 13.47
N GLY A 603 19.88 -10.99 13.42
CA GLY A 603 19.11 -11.21 14.65
C GLY A 603 19.54 -12.57 15.17
N LEU A 604 20.24 -12.61 16.28
CA LEU A 604 20.75 -13.85 16.81
C LEU A 604 19.85 -14.17 18.00
N TRP A 605 18.92 -15.11 17.85
CA TRP A 605 17.88 -15.28 18.87
C TRP A 605 17.63 -16.75 19.21
N GLY A 606 17.33 -17.00 20.47
CA GLY A 606 16.94 -18.29 20.96
C GLY A 606 17.65 -18.57 22.29
N PRO A 607 17.18 -19.60 23.02
CA PRO A 607 17.72 -19.81 24.36
C PRO A 607 19.21 -20.15 24.40
N LEU A 608 19.81 -20.65 23.32
CA LEU A 608 21.27 -20.87 23.29
C LEU A 608 22.11 -19.72 22.71
N ALA A 609 21.49 -18.56 22.52
CA ALA A 609 22.18 -17.38 21.98
C ALA A 609 23.43 -16.94 22.76
N ARG A 610 23.36 -16.94 24.10
CA ARG A 610 24.53 -16.61 24.92
C ARG A 610 25.64 -17.65 24.80
N ASP A 611 25.26 -18.92 24.80
CA ASP A 611 26.24 -20.00 24.72
C ASP A 611 27.04 -19.80 23.42
N LEU A 612 26.34 -19.45 22.34
CA LEU A 612 26.98 -19.28 21.03
C LEU A 612 27.92 -18.08 21.00
N VAL A 613 27.39 -16.90 21.31
CA VAL A 613 28.15 -15.68 21.10
C VAL A 613 29.38 -15.60 22.00
N SER A 614 29.29 -16.22 23.18
CA SER A 614 30.40 -16.20 24.14
C SER A 614 31.62 -16.99 23.62
N LYS A 615 31.41 -17.87 22.66
CA LYS A 615 32.52 -18.54 21.97
C LYS A 615 33.31 -17.61 20.99
N VAL A 616 32.75 -16.47 20.62
CA VAL A 616 33.39 -15.65 19.58
C VAL A 616 33.57 -14.23 19.97
N SER A 617 33.44 -13.94 21.26
CA SER A 617 33.53 -12.58 21.74
C SER A 617 34.06 -12.64 23.14
N ASP A 618 34.88 -11.66 23.50
CA ASP A 618 35.29 -11.54 24.90
C ASP A 618 34.41 -10.52 25.61
N ASP A 619 33.45 -9.91 24.92
CA ASP A 619 32.60 -8.94 25.59
C ASP A 619 31.61 -9.63 26.52
N ASP A 620 31.08 -8.90 27.49
CA ASP A 620 30.14 -9.47 28.43
C ASP A 620 28.70 -9.39 27.88
N PHE A 621 28.12 -10.55 27.60
CA PHE A 621 26.75 -10.63 27.08
C PHE A 621 25.77 -11.14 28.14
N THR A 622 26.23 -11.31 29.38
CA THR A 622 25.31 -11.70 30.45
C THR A 622 24.34 -10.54 30.72
N ASN A 623 23.33 -10.79 31.53
CA ASN A 623 22.40 -9.73 31.88
C ASN A 623 23.12 -8.52 32.49
N ASP A 624 24.15 -8.78 33.29
CA ASP A 624 24.91 -7.68 33.87
C ASP A 624 25.65 -6.88 32.83
N GLY A 625 26.18 -7.56 31.82
CA GLY A 625 26.93 -6.89 30.77
C GLY A 625 26.08 -6.12 29.76
N LEU A 626 24.83 -6.56 29.55
CA LEU A 626 23.94 -5.87 28.62
C LEU A 626 22.49 -6.21 28.92
N LYS A 627 21.78 -5.25 29.49
CA LYS A 627 20.42 -5.46 29.90
C LYS A 627 19.47 -5.35 28.71
N TYR A 628 18.29 -5.93 28.89
CA TYR A 628 17.23 -5.81 27.90
C TYR A 628 16.97 -4.37 27.48
N PHE A 629 16.82 -4.16 26.17
CA PHE A 629 16.66 -2.84 25.56
C PHE A 629 17.83 -1.85 25.79
N ARG A 630 19.04 -2.40 25.87
CA ARG A 630 20.22 -1.58 25.86
C ARG A 630 21.08 -1.98 24.68
N ALA A 631 21.99 -1.09 24.30
CA ALA A 631 22.93 -1.28 23.19
C ALA A 631 24.34 -1.02 23.68
N LYS A 632 25.31 -1.70 23.09
CA LYS A 632 26.71 -1.31 23.29
C LYS A 632 27.55 -1.89 22.18
N ASN A 633 28.76 -1.38 22.05
CA ASN A 633 29.64 -1.83 21.00
C ASN A 633 30.38 -3.04 21.50
N VAL A 634 30.58 -4.05 20.65
CA VAL A 634 31.29 -5.25 21.05
C VAL A 634 32.17 -5.67 19.89
N VAL A 635 32.98 -6.69 20.08
CA VAL A 635 33.69 -7.29 18.95
C VAL A 635 33.34 -8.78 18.90
N ILE A 636 32.90 -9.23 17.73
CA ILE A 636 32.49 -10.62 17.51
C ILE A 636 33.23 -11.18 16.29
N GLY A 637 34.00 -12.27 16.46
CA GLY A 637 34.74 -12.85 15.34
C GLY A 637 35.67 -11.83 14.71
N GLY A 638 36.14 -10.90 15.53
CA GLY A 638 37.03 -9.87 15.06
C GLY A 638 36.40 -8.62 14.45
N ILE A 639 35.07 -8.61 14.40
CA ILE A 639 34.33 -7.53 13.74
C ILE A 639 33.69 -6.58 14.76
N PRO A 640 33.94 -5.26 14.61
CA PRO A 640 33.24 -4.30 15.48
C PRO A 640 31.76 -4.32 15.16
N VAL A 641 30.92 -4.45 16.17
CA VAL A 641 29.48 -4.62 16.05
C VAL A 641 28.79 -3.71 17.06
N THR A 642 27.65 -3.14 16.68
CA THR A 642 26.73 -2.61 17.67
C THR A 642 25.68 -3.69 18.00
N ALA A 643 25.68 -4.16 19.26
CA ALA A 643 24.72 -5.17 19.73
C ALA A 643 23.56 -4.46 20.44
N MET A 644 22.33 -4.80 20.09
CA MET A 644 21.15 -4.28 20.81
C MET A 644 20.34 -5.45 21.31
N ARG A 645 20.02 -5.43 22.59
CA ARG A 645 19.29 -6.54 23.15
C ARG A 645 17.78 -6.32 23.00
N LEU A 646 17.22 -6.93 21.97
CA LEU A 646 15.77 -7.04 21.81
C LEU A 646 15.50 -8.09 20.74
N SER A 647 14.26 -8.52 20.64
CA SER A 647 13.94 -9.67 19.78
C SER A 647 12.48 -9.58 19.39
N TYR A 648 12.25 -9.24 18.14
CA TYR A 648 10.89 -9.23 17.59
C TYR A 648 10.32 -10.67 17.57
N VAL A 649 11.15 -11.70 17.83
CA VAL A 649 10.62 -13.08 17.88
C VAL A 649 10.37 -13.56 19.32
N GLY A 650 10.73 -12.74 20.28
CA GLY A 650 10.40 -13.03 21.67
C GLY A 650 11.38 -13.94 22.39
N GLU A 651 12.62 -14.01 21.93
CA GLU A 651 13.59 -14.89 22.57
C GLU A 651 14.81 -14.10 23.02
N LEU A 652 15.64 -14.76 23.83
CA LEU A 652 16.90 -14.19 24.23
C LEU A 652 17.76 -13.89 22.99
N GLY A 653 18.55 -12.83 23.05
CA GLY A 653 19.57 -12.57 22.05
C GLY A 653 19.55 -11.13 21.59
N TRP A 654 20.20 -10.84 20.45
CA TRP A 654 20.55 -9.46 20.13
C TRP A 654 20.43 -9.25 18.63
N GLU A 655 20.15 -8.01 18.27
CA GLU A 655 20.35 -7.55 16.91
C GLU A 655 21.83 -7.11 16.83
N LEU A 656 22.56 -7.63 15.84
CA LEU A 656 23.99 -7.39 15.69
C LEU A 656 24.25 -6.63 14.37
N TYR A 657 24.62 -5.36 14.50
CA TYR A 657 24.76 -4.48 13.34
C TYR A 657 26.22 -4.26 13.05
N THR A 658 26.56 -4.24 11.77
CA THR A 658 27.89 -3.85 11.40
C THR A 658 27.90 -3.31 9.97
N SER A 659 29.04 -2.79 9.55
CA SER A 659 29.20 -2.30 8.17
C SER A 659 29.14 -3.46 7.13
N ALA A 660 28.65 -3.19 5.91
CA ALA A 660 28.43 -4.23 4.91
C ALA A 660 29.69 -5.06 4.61
N ASP A 661 30.84 -4.38 4.55
CA ASP A 661 32.12 -5.04 4.26
C ASP A 661 32.52 -6.10 5.32
N ASN A 662 31.97 -5.98 6.53
CA ASN A 662 32.30 -6.90 7.66
C ASN A 662 31.26 -8.03 7.81
N GLY A 663 30.14 -7.90 7.13
CA GLY A 663 28.99 -8.76 7.35
C GLY A 663 29.27 -10.24 7.18
N GLN A 664 29.93 -10.58 6.09
CA GLN A 664 30.16 -12.00 5.81
C GLN A 664 31.04 -12.63 6.89
N ARG A 665 32.03 -11.88 7.36
CA ARG A 665 32.90 -12.41 8.42
C ARG A 665 32.10 -12.66 9.70
N LEU A 666 31.25 -11.70 10.05
CA LEU A 666 30.46 -11.79 11.28
C LEU A 666 29.58 -13.03 11.19
N TRP A 667 28.90 -13.14 10.05
CA TRP A 667 28.07 -14.30 9.75
C TRP A 667 28.85 -15.60 9.90
N ASP A 668 30.00 -15.70 9.25
CA ASP A 668 30.76 -16.95 9.27
C ASP A 668 31.26 -17.29 10.69
N ALA A 669 31.68 -16.27 11.43
CA ALA A 669 32.13 -16.44 12.79
C ALA A 669 31.03 -17.05 13.66
N LEU A 670 29.84 -16.46 13.59
CA LEU A 670 28.69 -16.94 14.34
C LEU A 670 28.26 -18.32 13.89
N TRP A 671 28.31 -18.55 12.57
CA TRP A 671 27.87 -19.80 12.02
C TRP A 671 28.72 -20.95 12.58
N GLN A 672 30.02 -20.74 12.57
CA GLN A 672 30.98 -21.72 13.07
C GLN A 672 30.83 -21.96 14.60
N ALA A 673 30.76 -20.89 15.37
CA ALA A 673 30.50 -20.99 16.81
C ALA A 673 29.23 -21.75 17.12
N GLY A 674 28.23 -21.66 16.23
CA GLY A 674 26.90 -22.19 16.51
C GLY A 674 26.75 -23.66 16.19
N GLN A 675 27.70 -24.23 15.47
CA GLN A 675 27.60 -25.62 15.07
C GLN A 675 27.29 -26.61 16.20
N PRO A 676 28.00 -26.51 17.34
CA PRO A 676 27.67 -27.45 18.43
C PRO A 676 26.32 -27.17 19.07
N PHE A 677 25.74 -26.00 18.78
CA PHE A 677 24.45 -25.64 19.40
C PHE A 677 23.31 -25.84 18.39
N GLY A 678 23.65 -26.33 17.21
CA GLY A 678 22.66 -26.62 16.19
C GLY A 678 22.11 -25.35 15.55
N VAL A 679 22.94 -24.33 15.44
CA VAL A 679 22.49 -23.05 14.91
C VAL A 679 21.88 -23.27 13.50
N ILE A 680 20.81 -22.54 13.17
CA ILE A 680 20.29 -22.51 11.81
C ILE A 680 20.12 -21.05 11.30
N ALA A 681 20.04 -20.88 9.99
CA ALA A 681 19.54 -19.66 9.36
C ALA A 681 18.02 -19.80 9.36
N ALA A 682 17.33 -18.72 9.69
CA ALA A 682 15.86 -18.73 9.75
C ALA A 682 15.31 -17.58 8.92
N GLY A 683 14.24 -17.86 8.19
CA GLY A 683 13.67 -16.88 7.29
C GLY A 683 12.41 -16.15 7.74
N ARG A 684 11.84 -15.37 6.84
CA ARG A 684 10.72 -14.50 7.23
C ARG A 684 9.41 -15.20 7.60
N ALA A 685 9.16 -16.40 7.08
CA ALA A 685 7.92 -17.09 7.42
C ALA A 685 7.91 -17.41 8.91
N ALA A 686 8.99 -18.00 9.41
CA ALA A 686 9.07 -18.26 10.85
C ALA A 686 9.03 -16.93 11.61
N PHE A 687 9.79 -15.95 11.13
CA PHE A 687 9.86 -14.67 11.78
C PHE A 687 8.45 -14.07 12.02
N SER A 688 7.64 -14.02 10.98
CA SER A 688 6.29 -13.44 11.10
C SER A 688 5.38 -14.18 12.06
N SER A 689 5.50 -15.51 12.08
CA SER A 689 4.69 -16.34 12.95
C SER A 689 5.10 -16.11 14.43
N LEU A 690 6.39 -16.13 14.68
CA LEU A 690 6.90 -15.94 16.04
C LEU A 690 6.50 -14.57 16.60
N ARG A 691 6.56 -13.52 15.76
CA ARG A 691 6.30 -12.18 16.28
C ARG A 691 4.83 -11.99 16.57
N LEU A 692 3.97 -12.74 15.86
CA LEU A 692 2.55 -12.73 16.13
C LEU A 692 2.22 -13.45 17.42
N GLU A 693 2.94 -14.51 17.72
CA GLU A 693 2.80 -15.19 19.02
C GLU A 693 3.17 -14.24 20.18
N LYS A 694 4.01 -13.25 19.87
CA LYS A 694 4.39 -12.25 20.84
C LYS A 694 3.44 -11.04 20.85
N GLY A 695 2.49 -10.97 19.94
CA GLY A 695 1.59 -9.83 19.93
C GLY A 695 2.22 -8.52 19.47
N TYR A 696 3.39 -8.59 18.82
CA TYR A 696 4.02 -7.34 18.42
C TYR A 696 3.33 -6.78 17.18
N ARG A 697 3.05 -5.49 17.17
CA ARG A 697 2.29 -4.89 16.08
C ARG A 697 3.18 -4.60 14.87
N SER A 698 2.61 -4.62 13.68
CA SER A 698 3.36 -4.31 12.45
C SER A 698 2.74 -3.08 11.83
N TRP A 699 3.48 -2.00 11.70
CA TRP A 699 2.86 -0.76 11.21
C TRP A 699 2.41 -0.89 9.75
N GLY A 700 1.23 -0.36 9.42
CA GLY A 700 0.77 -0.43 8.05
C GLY A 700 -0.34 -1.44 7.87
N THR A 701 -0.40 -2.42 8.76
CA THR A 701 -1.55 -3.34 8.76
C THR A 701 -2.22 -3.38 10.11
N ASP A 702 -1.44 -3.69 11.16
CA ASP A 702 -1.97 -3.70 12.51
C ASP A 702 -2.38 -2.32 13.04
N MET A 703 -1.70 -1.28 12.61
CA MET A 703 -2.14 0.09 12.87
C MET A 703 -1.65 1.00 11.78
N THR A 704 -2.42 2.05 11.53
CA THR A 704 -2.10 3.08 10.56
C THR A 704 -2.56 4.40 11.19
N THR A 705 -2.53 5.46 10.41
CA THR A 705 -2.90 6.77 10.95
C THR A 705 -4.37 6.83 11.26
N GLU A 706 -5.13 5.83 10.84
CA GLU A 706 -6.53 5.75 11.23
C GLU A 706 -6.74 5.29 12.69
N HIS A 707 -5.68 4.91 13.38
CA HIS A 707 -5.79 4.39 14.72
C HIS A 707 -4.95 5.20 15.66
N ASP A 708 -5.42 5.36 16.89
CA ASP A 708 -4.57 6.00 17.89
C ASP A 708 -3.84 4.91 18.68
N PRO A 709 -2.87 5.26 19.52
CA PRO A 709 -2.10 4.19 20.17
C PRO A 709 -2.93 3.37 21.11
N PHE A 710 -3.96 3.95 21.71
CA PHE A 710 -4.75 3.21 22.69
C PHE A 710 -5.65 2.17 22.05
N GLU A 711 -6.18 2.51 20.88
CA GLU A 711 -6.97 1.54 20.10
C GLU A 711 -6.07 0.38 19.68
N ALA A 712 -4.81 0.67 19.37
CA ALA A 712 -3.92 -0.38 18.89
C ALA A 712 -3.24 -1.17 20.03
N GLY A 713 -3.55 -0.83 21.29
CA GLY A 713 -2.91 -1.52 22.41
C GLY A 713 -1.45 -1.11 22.61
N LEU A 714 -1.10 0.08 22.17
CA LEU A 714 0.26 0.59 22.25
C LEU A 714 0.39 1.76 23.24
N GLY A 715 -0.57 1.86 24.16
CA GLY A 715 -0.56 2.93 25.15
C GLY A 715 0.76 2.99 25.91
N PHE A 716 1.31 1.83 26.24
CA PHE A 716 2.53 1.75 27.02
C PHE A 716 3.66 2.53 26.37
N ALA A 717 3.62 2.70 25.05
CA ALA A 717 4.74 3.33 24.33
C ALA A 717 4.60 4.85 24.23
N VAL A 718 3.55 5.38 24.85
CA VAL A 718 3.29 6.80 24.81
C VAL A 718 3.51 7.42 26.20
N LYS A 719 4.51 8.28 26.34
CA LYS A 719 4.79 8.92 27.63
C LYS A 719 3.99 10.20 27.72
N MET A 720 2.76 10.11 28.22
CA MET A 720 1.85 11.25 28.22
C MET A 720 2.38 12.40 29.08
N ALA A 721 3.25 12.08 30.04
CA ALA A 721 3.90 13.08 30.88
C ALA A 721 4.91 13.96 30.14
N LYS A 722 5.40 13.56 28.97
CA LYS A 722 6.28 14.47 28.22
C LYS A 722 5.74 15.90 28.11
N GLU A 723 6.62 16.90 28.13
CA GLU A 723 6.19 18.27 28.00
C GLU A 723 5.56 18.52 26.64
N SER A 724 6.05 17.86 25.62
CA SER A 724 5.62 18.22 24.28
C SER A 724 5.94 17.10 23.30
N PHE A 725 5.03 16.85 22.36
CA PHE A 725 5.30 15.99 21.22
C PHE A 725 4.09 16.04 20.29
N ILE A 726 4.34 15.85 19.01
CA ILE A 726 3.27 15.82 18.04
C ILE A 726 2.22 14.78 18.42
N GLY A 727 0.97 15.22 18.57
CA GLY A 727 -0.14 14.34 18.86
C GLY A 727 -0.58 14.31 20.30
N LYS A 728 0.22 14.91 21.14
CA LYS A 728 -0.03 14.80 22.57
C LYS A 728 -1.41 15.39 22.94
N GLY A 729 -1.68 16.60 22.46
CA GLY A 729 -2.93 17.24 22.84
C GLY A 729 -4.12 16.41 22.40
N ALA A 730 -4.00 15.76 21.24
CA ALA A 730 -5.11 14.96 20.71
C ALA A 730 -5.38 13.75 21.58
N LEU A 731 -4.38 13.26 22.29
CA LEU A 731 -4.52 12.03 23.07
C LEU A 731 -4.99 12.25 24.51
N GLU A 732 -5.10 13.51 24.91
CA GLU A 732 -5.48 13.78 26.30
C GLU A 732 -6.81 13.14 26.64
N GLY A 733 -6.81 12.32 27.69
CA GLY A 733 -8.01 11.71 28.20
C GLY A 733 -8.20 10.28 27.72
N ARG A 734 -7.44 9.87 26.71
CA ARG A 734 -7.71 8.58 26.05
C ARG A 734 -7.10 7.46 26.84
N THR A 735 -7.76 6.32 26.86
CA THR A 735 -7.19 5.13 27.48
C THR A 735 -7.55 3.93 26.63
N GLU A 736 -6.82 2.83 26.81
CA GLU A 736 -7.15 1.61 26.07
C GLU A 736 -8.52 1.10 26.47
N GLU A 737 -8.82 1.15 27.76
CA GLU A 737 -10.07 0.59 28.25
C GLU A 737 -11.33 1.30 27.71
N ALA A 738 -11.24 2.59 27.44
CA ALA A 738 -12.40 3.33 26.96
C ALA A 738 -12.49 3.43 25.44
N SER A 739 -11.50 2.88 24.75
CA SER A 739 -11.46 2.94 23.29
C SER A 739 -12.66 2.22 22.70
N ALA A 740 -13.32 2.86 21.74
CA ALA A 740 -14.47 2.26 21.08
C ALA A 740 -14.12 1.05 20.19
N ARG A 741 -12.91 1.05 19.59
CA ARG A 741 -12.41 -0.09 18.79
C ARG A 741 -11.08 -0.51 19.41
N ARG A 742 -10.84 -1.80 19.51
CA ARG A 742 -9.55 -2.25 20.03
C ARG A 742 -9.01 -3.41 19.20
N LEU A 743 -7.69 -3.41 19.02
CA LEU A 743 -6.99 -4.47 18.28
C LEU A 743 -6.94 -5.71 19.12
N ARG A 744 -7.47 -6.82 18.63
CA ARG A 744 -7.58 -8.04 19.40
C ARG A 744 -6.88 -9.19 18.68
N CYS A 745 -6.37 -10.11 19.48
CA CYS A 745 -5.76 -11.33 19.02
C CYS A 745 -6.83 -12.43 18.91
N LEU A 746 -6.96 -13.05 17.74
CA LEU A 746 -7.89 -14.18 17.58
C LEU A 746 -7.12 -15.45 17.35
N THR A 747 -7.62 -16.55 17.90
CA THR A 747 -7.03 -17.84 17.52
C THR A 747 -8.13 -18.63 16.86
N ILE A 748 -7.79 -19.39 15.85
CA ILE A 748 -8.78 -20.14 15.07
C ILE A 748 -9.07 -21.50 15.72
N ASP A 749 -10.33 -21.72 16.07
CA ASP A 749 -10.70 -22.85 16.93
C ASP A 749 -10.36 -24.21 16.33
N ASP A 750 -10.60 -24.38 15.03
CA ASP A 750 -10.37 -25.72 14.47
C ASP A 750 -8.89 -26.12 14.37
N GLY A 751 -7.99 -25.23 14.77
CA GLY A 751 -6.56 -25.54 14.72
C GLY A 751 -5.94 -25.64 13.34
N ARG A 752 -6.71 -25.37 12.30
CA ARG A 752 -6.33 -25.77 10.95
C ARG A 752 -6.62 -24.74 9.85
N SER A 753 -7.70 -23.95 10.01
CA SER A 753 -8.11 -23.09 8.91
C SER A 753 -7.36 -21.77 8.94
N ILE A 754 -6.28 -21.69 8.16
CA ILE A 754 -5.41 -20.50 8.14
C ILE A 754 -6.03 -19.38 7.31
N VAL A 755 -6.02 -18.16 7.83
CA VAL A 755 -6.44 -16.98 7.08
C VAL A 755 -5.21 -16.11 6.81
N LEU A 756 -5.33 -15.18 5.86
CA LEU A 756 -4.14 -14.52 5.33
C LEU A 756 -4.10 -13.03 5.49
N GLY A 757 -5.25 -12.39 5.67
CA GLY A 757 -5.33 -10.94 5.81
C GLY A 757 -6.47 -10.35 4.98
N LYS A 758 -7.17 -9.37 5.55
CA LYS A 758 -8.28 -8.69 4.86
C LYS A 758 -9.64 -9.45 4.94
N GLU A 759 -9.64 -10.66 5.50
CA GLU A 759 -10.90 -11.40 5.63
C GLU A 759 -11.78 -10.66 6.65
N PRO A 760 -13.08 -10.51 6.34
CA PRO A 760 -14.02 -9.87 7.26
C PRO A 760 -14.23 -10.71 8.52
N VAL A 761 -14.42 -9.98 9.62
CA VAL A 761 -14.65 -10.62 10.91
C VAL A 761 -16.05 -10.28 11.43
N PHE A 762 -16.80 -11.30 11.85
CA PHE A 762 -18.20 -11.13 12.24
C PHE A 762 -18.46 -11.44 13.70
N TYR A 763 -19.30 -10.63 14.33
CA TYR A 763 -19.70 -10.90 15.70
C TYR A 763 -21.21 -10.80 15.73
N LYS A 764 -21.86 -11.83 16.25
CA LYS A 764 -23.33 -11.93 16.15
C LYS A 764 -23.84 -11.65 14.74
N GLU A 765 -23.17 -12.23 13.75
CA GLU A 765 -23.58 -12.13 12.34
C GLU A 765 -23.45 -10.75 11.71
N GLN A 766 -22.82 -9.81 12.41
CA GLN A 766 -22.52 -8.51 11.81
C GLN A 766 -21.02 -8.33 11.52
N ALA A 767 -20.69 -7.70 10.41
CA ALA A 767 -19.29 -7.42 10.09
C ALA A 767 -18.82 -6.33 11.04
N VAL A 768 -17.83 -6.62 11.88
CA VAL A 768 -17.35 -5.64 12.84
C VAL A 768 -15.84 -5.41 12.76
N GLY A 769 -15.14 -6.17 11.91
CA GLY A 769 -13.72 -5.96 11.75
C GLY A 769 -13.19 -6.70 10.54
N TYR A 770 -11.86 -6.91 10.50
CA TYR A 770 -11.22 -7.58 9.38
C TYR A 770 -9.82 -7.96 9.84
N VAL A 771 -9.27 -8.99 9.24
CA VAL A 771 -7.94 -9.45 9.58
C VAL A 771 -6.84 -8.50 9.13
N THR A 772 -6.03 -8.06 10.07
CA THR A 772 -4.92 -7.19 9.75
C THR A 772 -3.70 -8.09 9.48
N SER A 773 -3.16 -8.74 10.50
CA SER A 773 -2.06 -9.69 10.35
C SER A 773 -2.54 -11.10 10.67
N ALA A 774 -1.87 -12.13 10.14
CA ALA A 774 -2.22 -13.51 10.42
C ALA A 774 -1.01 -14.41 10.12
N ALA A 775 -0.98 -15.55 10.75
CA ALA A 775 0.01 -16.59 10.44
C ALA A 775 -0.42 -17.84 11.18
N TYR A 776 0.18 -18.99 10.86
CA TYR A 776 0.01 -20.16 11.72
C TYR A 776 1.02 -20.01 12.88
N GLY A 777 0.54 -20.12 14.11
CA GLY A 777 1.38 -20.01 15.30
C GLY A 777 1.99 -21.38 15.59
N TYR A 778 3.26 -21.56 15.26
CA TYR A 778 3.84 -22.90 15.44
C TYR A 778 3.98 -23.32 16.92
N THR A 779 4.23 -22.37 17.82
CA THR A 779 4.40 -22.68 19.22
C THR A 779 3.05 -23.02 19.84
N VAL A 780 2.00 -22.30 19.47
CA VAL A 780 0.67 -22.52 20.05
C VAL A 780 -0.12 -23.55 19.25
N ALA A 781 0.44 -23.95 18.13
CA ALA A 781 -0.17 -24.94 17.25
C ALA A 781 -1.58 -24.54 16.83
N LYS A 782 -1.75 -23.32 16.37
CA LYS A 782 -3.01 -22.98 15.70
C LYS A 782 -2.89 -21.72 14.92
N PRO A 783 -3.85 -21.49 14.00
CA PRO A 783 -3.75 -20.25 13.24
C PRO A 783 -4.08 -19.08 14.11
N ILE A 784 -3.43 -17.97 13.82
CA ILE A 784 -3.62 -16.73 14.59
C ILE A 784 -4.02 -15.64 13.62
N ALA A 785 -4.84 -14.70 14.07
CA ALA A 785 -5.23 -13.54 13.25
C ALA A 785 -5.56 -12.35 14.17
N TYR A 786 -5.23 -11.13 13.76
CA TYR A 786 -5.52 -9.94 14.57
C TYR A 786 -6.59 -9.14 13.84
N SER A 787 -7.45 -8.45 14.57
CA SER A 787 -8.52 -7.65 13.99
C SER A 787 -8.91 -6.58 15.00
N TYR A 788 -9.20 -5.36 14.55
CA TYR A 788 -9.90 -4.43 15.43
C TYR A 788 -11.29 -4.98 15.66
N LEU A 789 -11.79 -4.80 16.88
CA LEU A 789 -13.14 -5.26 17.21
C LEU A 789 -13.78 -4.18 18.13
N PRO A 790 -15.11 -4.06 18.09
CA PRO A 790 -15.78 -3.13 19.01
C PRO A 790 -15.32 -3.35 20.45
N GLY A 791 -15.14 -2.25 21.17
CA GLY A 791 -14.63 -2.32 22.53
C GLY A 791 -15.49 -3.22 23.40
N THR A 792 -16.74 -3.35 22.99
CA THR A 792 -17.74 -4.22 23.59
C THR A 792 -17.38 -5.71 23.58
N VAL A 793 -16.68 -6.17 22.53
CA VAL A 793 -16.29 -7.58 22.47
C VAL A 793 -15.14 -7.84 23.43
N SER A 794 -15.23 -8.92 24.20
CA SER A 794 -14.23 -9.17 25.23
C SER A 794 -13.38 -10.40 24.93
N VAL A 795 -12.23 -10.50 25.59
CA VAL A 795 -11.46 -11.75 25.60
C VAL A 795 -12.39 -12.91 25.98
N GLY A 796 -12.30 -14.02 25.24
CA GLY A 796 -13.18 -15.15 25.45
C GLY A 796 -14.40 -15.18 24.55
N ASP A 797 -14.75 -14.04 23.97
CA ASP A 797 -15.86 -14.02 23.03
C ASP A 797 -15.53 -14.78 21.75
N SER A 798 -16.57 -15.24 21.06
CA SER A 798 -16.42 -15.95 19.81
C SER A 798 -16.71 -15.04 18.62
N VAL A 799 -15.92 -15.18 17.54
CA VAL A 799 -16.17 -14.42 16.31
C VAL A 799 -15.99 -15.37 15.11
N ASP A 800 -16.54 -14.98 13.96
CA ASP A 800 -16.32 -15.74 12.72
C ASP A 800 -15.45 -14.95 11.75
N ILE A 801 -14.54 -15.64 11.07
CA ILE A 801 -13.70 -14.99 10.05
C ILE A 801 -14.14 -15.64 8.72
N GLU A 802 -14.49 -14.85 7.73
CA GLU A 802 -14.90 -15.44 6.47
C GLU A 802 -13.72 -15.60 5.53
N TYR A 803 -13.52 -16.81 5.07
CA TYR A 803 -12.38 -17.17 4.22
C TYR A 803 -12.92 -17.95 3.03
N PHE A 804 -12.74 -17.38 1.84
CA PHE A 804 -13.32 -17.92 0.62
C PHE A 804 -14.79 -18.32 0.84
N GLY A 805 -15.56 -17.40 1.42
CA GLY A 805 -16.96 -17.64 1.61
C GLY A 805 -17.36 -18.57 2.75
N ARG A 806 -16.39 -19.12 3.47
CA ARG A 806 -16.72 -20.00 4.59
C ARG A 806 -16.45 -19.33 5.95
N ARG A 807 -17.36 -19.44 6.91
CA ARG A 807 -17.16 -18.84 8.23
C ARG A 807 -16.30 -19.75 9.12
N ILE A 808 -15.26 -19.18 9.69
CA ILE A 808 -14.32 -19.94 10.49
C ILE A 808 -14.45 -19.40 11.92
N THR A 809 -14.79 -20.26 12.87
CA THR A 809 -14.88 -19.81 14.26
C THR A 809 -13.56 -19.53 14.95
N ALA A 810 -13.48 -18.39 15.61
CA ALA A 810 -12.25 -17.99 16.30
C ALA A 810 -12.60 -17.41 17.67
N THR A 811 -11.63 -17.40 18.57
CA THR A 811 -11.85 -16.90 19.92
C THR A 811 -10.90 -15.73 20.18
N VAL A 812 -11.43 -14.70 20.81
CA VAL A 812 -10.66 -13.55 21.20
C VAL A 812 -9.83 -14.01 22.39
N THR A 813 -8.52 -13.79 22.29
CA THR A 813 -7.60 -14.41 23.24
C THR A 813 -6.67 -13.32 23.75
N GLU A 814 -6.23 -13.44 25.00
CA GLU A 814 -5.32 -12.46 25.60
C GLU A 814 -3.94 -12.59 24.94
N ASP A 815 -3.28 -11.48 24.62
CA ASP A 815 -1.91 -11.58 24.11
C ASP A 815 -0.93 -11.01 25.12
N PRO A 816 0.36 -11.40 25.01
CA PRO A 816 0.90 -12.32 23.99
C PRO A 816 0.43 -13.75 24.25
N LEU A 817 0.24 -14.49 23.16
CA LEU A 817 -0.02 -15.91 23.21
C LEU A 817 1.15 -16.68 23.82
N TYR A 818 2.38 -16.20 23.62
CA TYR A 818 3.58 -16.90 24.09
C TYR A 818 4.37 -16.10 25.15
N ASP A 819 4.71 -16.78 26.25
CA ASP A 819 5.58 -16.20 27.28
C ASP A 819 5.13 -14.83 27.74
N PRO A 820 3.88 -14.75 28.21
CA PRO A 820 3.43 -13.43 28.65
C PRO A 820 4.24 -12.92 29.88
N LYS A 821 4.92 -13.77 30.64
CA LYS A 821 5.73 -13.26 31.75
C LYS A 821 7.12 -12.80 31.25
N MET A 822 7.39 -13.01 29.96
CA MET A 822 8.63 -12.54 29.34
C MET A 822 9.82 -13.18 29.97
N THR A 823 9.65 -14.40 30.47
CA THR A 823 10.74 -15.08 31.12
C THR A 823 11.85 -15.47 30.13
N ARG A 824 11.53 -15.59 28.86
CA ARG A 824 12.54 -15.93 27.88
C ARG A 824 13.42 -14.74 27.54
N LEU A 825 12.89 -13.55 27.78
CA LEU A 825 13.46 -12.32 27.28
C LEU A 825 14.30 -11.56 28.30
N ARG A 826 13.72 -11.41 29.48
CA ARG A 826 14.19 -10.43 30.47
C ARG A 826 15.13 -11.12 31.44
N GLY A 827 15.99 -10.36 32.09
CA GLY A 827 16.96 -10.95 33.00
C GLY A 827 18.01 -11.74 32.25
#